data_3OIT
#
_entry.id   3OIT
#
_cell.length_a   57.780
_cell.length_b   68.510
_cell.length_c   211.720
_cell.angle_alpha   90.000
_cell.angle_beta   90.000
_cell.angle_gamma   90.000
#
_symmetry.space_group_name_H-M   'P 21 21 21'
#
loop_
_entity.id
_entity.type
_entity.pdbx_description
1 polymer 'Os07g0271500 protein'
2 water water
#
_entity_poly.entity_id   1
_entity_poly.type   'polypeptide(L)'
_entity_poly.pdbx_seq_one_letter_code
;MRRSQRADGLAAVLAIGTANPPNCVTQEEIPDFYFRVTNSDHLTALKDKFKRICQEMGVQRRYLHHTEEMLSAHPEFVDR
DAPSLDARLDIAADAVPELAAEAAKKAIAEWGRPAADITHLVVTTNSGAHVPGVDFRLVPLLGLRPSVRRTMLHLNGCFA
GCAALRLAKDLAENSRGARVLVVAAELTLMYFTGPDEGCFRTLLVQGLFGDGAAAVIVGADADDVERPLFEIVSAAQTII
PESDHALNMRFTERRLDGVLGRQVPGLIGDNVERCLLDMFGPLLGGDGGGGWNDLFWAVHPGSSTIMDQVDAALGLEPGK
LAASRRVLSDYGNMSGATVIFALDELRRQRKEAAAAGEWPELGVMMAFGPGMTVDAMLLHATSHHHH
;
_entity_poly.pdbx_strand_id   A,B
#
# COMPACT_ATOMS: atom_id res chain seq x y z
N MET A 1 -31.22 -1.40 5.62
CA MET A 1 -31.00 -0.05 6.21
C MET A 1 -30.43 0.93 5.19
N ARG A 2 -30.51 2.21 5.53
CA ARG A 2 -29.98 3.24 4.67
C ARG A 2 -28.48 3.46 4.90
N ARG A 3 -27.82 3.84 3.81
CA ARG A 3 -26.54 4.54 3.75
C ARG A 3 -26.25 5.46 4.95
N SER A 4 -24.99 5.51 5.39
CA SER A 4 -24.56 6.54 6.37
C SER A 4 -24.64 7.95 5.75
N GLN A 5 -24.56 8.98 6.58
CA GLN A 5 -24.60 10.35 6.07
C GLN A 5 -23.34 10.66 5.25
N ARG A 6 -23.54 11.27 4.10
CA ARG A 6 -22.43 11.56 3.22
C ARG A 6 -22.22 13.07 3.08
N ALA A 7 -21.09 13.44 2.48
CA ALA A 7 -20.82 14.85 2.21
C ALA A 7 -21.74 15.41 1.11
N ASP A 8 -21.93 16.73 1.13
CA ASP A 8 -22.70 17.42 0.12
C ASP A 8 -21.79 17.85 -1.04
N GLY A 9 -20.77 18.67 -0.76
CA GLY A 9 -19.90 19.22 -1.79
C GLY A 9 -18.75 18.31 -2.19
N LEU A 10 -17.88 18.84 -3.03
CA LEU A 10 -16.67 18.12 -3.43
C LEU A 10 -15.64 18.14 -2.33
N ALA A 11 -14.79 17.13 -2.31
CA ALA A 11 -13.59 17.13 -1.48
C ALA A 11 -12.73 18.30 -1.89
N ALA A 12 -12.15 18.99 -0.89
CA ALA A 12 -11.25 20.09 -1.16
C ALA A 12 -9.94 19.97 -0.40
N VAL A 13 -8.88 20.51 -0.99
CA VAL A 13 -7.63 20.72 -0.31
C VAL A 13 -7.86 21.90 0.64
N LEU A 14 -7.71 21.64 1.94
CA LEU A 14 -7.98 22.65 2.96
C LEU A 14 -6.69 23.25 3.52
N ALA A 15 -5.59 22.51 3.36
CA ALA A 15 -4.27 22.92 3.85
C ALA A 15 -3.18 22.10 3.21
N ILE A 16 -1.99 22.68 3.04
CA ILE A 16 -0.81 21.94 2.60
C ILE A 16 0.37 22.35 3.47
N GLY A 17 1.11 21.36 3.96
CA GLY A 17 2.34 21.62 4.69
C GLY A 17 3.43 20.75 4.10
N THR A 18 4.67 21.22 4.17
CA THR A 18 5.78 20.46 3.60
C THR A 18 6.97 20.51 4.54
N ALA A 19 7.91 19.60 4.34
CA ALA A 19 9.08 19.44 5.19
C ALA A 19 10.24 18.84 4.41
N ASN A 20 11.47 19.21 4.79
CA ASN A 20 12.69 18.63 4.20
C ASN A 20 13.76 18.41 5.26
N PRO A 21 14.64 17.43 5.06
CA PRO A 21 15.76 17.28 6.01
C PRO A 21 16.63 18.56 6.04
N PRO A 22 17.41 18.77 7.11
CA PRO A 22 18.15 20.05 7.18
C PRO A 22 19.35 20.17 6.22
N ASN A 23 19.95 19.03 5.85
CA ASN A 23 21.16 19.02 4.98
C ASN A 23 20.89 19.45 3.54
N CYS A 24 21.11 20.73 3.27
CA CYS A 24 20.89 21.30 1.96
C CYS A 24 22.17 21.21 1.12
N VAL A 25 22.03 20.69 -0.11
CA VAL A 25 23.16 20.59 -1.03
C VAL A 25 22.80 21.19 -2.40
N THR A 26 23.54 22.22 -2.83
CA THR A 26 23.32 22.85 -4.14
C THR A 26 23.80 21.93 -5.26
N GLN A 27 23.30 22.12 -6.48
CA GLN A 27 23.78 21.35 -7.64
C GLN A 27 25.30 21.50 -7.82
N GLU A 28 25.81 22.70 -7.55
CA GLU A 28 27.24 22.97 -7.68
C GLU A 28 28.08 22.15 -6.69
N GLU A 29 27.52 21.90 -5.50
CA GLU A 29 28.22 21.14 -4.46
C GLU A 29 28.01 19.64 -4.55
N ILE A 30 26.98 19.20 -5.28
CA ILE A 30 26.65 17.78 -5.38
C ILE A 30 27.82 16.91 -5.92
N PRO A 31 28.49 17.32 -7.02
CA PRO A 31 29.59 16.47 -7.48
C PRO A 31 30.66 16.24 -6.42
N ASP A 32 31.06 17.30 -5.70
CA ASP A 32 32.08 17.17 -4.67
C ASP A 32 31.63 16.29 -3.51
N PHE A 33 30.36 16.43 -3.10
CA PHE A 33 29.82 15.62 -2.00
C PHE A 33 29.77 14.15 -2.40
N TYR A 34 29.14 13.87 -3.54
CA TYR A 34 28.91 12.49 -3.99
C TYR A 34 30.21 11.74 -4.24
N PHE A 35 31.14 12.38 -4.95
CA PHE A 35 32.41 11.75 -5.28
C PHE A 35 33.34 11.56 -4.08
N ARG A 36 33.27 12.47 -3.12
CA ARG A 36 34.04 12.32 -1.88
C ARG A 36 33.50 11.15 -1.02
N VAL A 37 32.19 11.16 -0.80
CA VAL A 37 31.56 10.23 0.12
C VAL A 37 31.58 8.78 -0.41
N THR A 38 31.68 8.62 -1.73
CA THR A 38 31.78 7.29 -2.34
C THR A 38 33.21 6.90 -2.69
N ASN A 39 34.20 7.64 -2.18
CA ASN A 39 35.61 7.33 -2.39
C ASN A 39 35.99 7.24 -3.88
N SER A 40 35.47 8.19 -4.65
CA SER A 40 35.60 8.18 -6.10
C SER A 40 36.31 9.41 -6.68
N ASP A 41 36.94 10.21 -5.84
CA ASP A 41 37.59 11.46 -6.26
C ASP A 41 38.72 11.28 -7.28
N HIS A 42 39.19 10.04 -7.42
CA HIS A 42 40.25 9.69 -8.39
C HIS A 42 39.67 9.44 -9.79
N LEU A 43 38.35 9.31 -9.88
CA LEU A 43 37.67 9.14 -11.16
C LEU A 43 37.33 10.48 -11.80
N THR A 44 38.37 11.16 -12.29
CA THR A 44 38.29 12.51 -12.86
C THR A 44 37.36 12.63 -14.07
N ALA A 45 37.53 11.75 -15.05
CA ALA A 45 36.69 11.77 -16.25
C ALA A 45 35.22 11.61 -15.90
N LEU A 46 34.92 10.67 -15.00
CA LEU A 46 33.56 10.43 -14.53
C LEU A 46 32.98 11.61 -13.76
N LYS A 47 33.78 12.20 -12.86
CA LYS A 47 33.32 13.39 -12.12
C LYS A 47 32.95 14.54 -13.05
N ASP A 48 33.79 14.77 -14.06
CA ASP A 48 33.52 15.80 -15.07
C ASP A 48 32.21 15.54 -15.83
N LYS A 49 31.93 14.27 -16.13
CA LYS A 49 30.66 13.92 -16.80
C LYS A 49 29.48 14.21 -15.90
N PHE A 50 29.63 13.84 -14.63
CA PHE A 50 28.60 14.09 -13.64
C PHE A 50 28.34 15.59 -13.49
N LYS A 51 29.41 16.38 -13.50
CA LYS A 51 29.30 17.84 -13.42
C LYS A 51 28.42 18.38 -14.53
N ARG A 52 28.69 17.94 -15.76
CA ARG A 52 27.92 18.36 -16.94
C ARG A 52 26.47 17.85 -16.91
N ILE A 53 26.30 16.59 -16.51
CA ILE A 53 24.97 16.00 -16.25
C ILE A 53 24.15 16.87 -15.30
N CYS A 54 24.73 17.22 -14.15
CA CYS A 54 24.04 17.99 -13.12
C CYS A 54 23.58 19.37 -13.58
N GLN A 55 24.32 19.98 -14.50
CA GLN A 55 24.02 21.33 -14.96
C GLN A 55 22.81 21.41 -15.88
N GLU A 56 22.44 20.30 -16.51
CA GLU A 56 21.36 20.27 -17.51
C GLU A 56 20.01 19.72 -16.99
N MET A 57 19.89 19.52 -15.68
CA MET A 57 18.71 18.82 -15.13
C MET A 57 17.58 19.73 -14.62
N GLY A 58 17.88 21.01 -14.41
CA GLY A 58 16.88 21.95 -13.90
C GLY A 58 16.72 21.93 -12.38
N VAL A 59 17.71 21.35 -11.69
CA VAL A 59 17.75 21.26 -10.25
C VAL A 59 18.87 22.17 -9.72
N GLN A 60 18.58 22.99 -8.71
CA GLN A 60 19.57 23.93 -8.19
C GLN A 60 20.02 23.58 -6.77
N ARG A 61 19.15 22.87 -6.05
CA ARG A 61 19.47 22.40 -4.71
C ARG A 61 18.53 21.28 -4.29
N ARG A 62 18.98 20.50 -3.31
CA ARG A 62 18.13 19.47 -2.74
C ARG A 62 18.51 19.27 -1.28
N TYR A 63 17.62 18.60 -0.55
CA TYR A 63 17.78 18.35 0.87
C TYR A 63 17.92 16.86 1.06
N LEU A 64 18.93 16.44 1.82
CA LEU A 64 19.27 15.04 1.99
C LEU A 64 19.30 14.67 3.45
N HIS A 65 18.66 13.57 3.80
CA HIS A 65 18.66 13.08 5.18
C HIS A 65 20.02 12.47 5.53
N HIS A 66 20.64 11.81 4.56
CA HIS A 66 21.97 11.25 4.75
C HIS A 66 23.05 12.34 4.72
N THR A 67 24.11 12.10 5.48
CA THR A 67 25.23 13.02 5.65
C THR A 67 26.51 12.20 5.61
N GLU A 68 27.65 12.89 5.57
CA GLU A 68 28.97 12.21 5.62
C GLU A 68 29.10 11.25 6.80
N GLU A 69 28.62 11.66 7.97
CA GLU A 69 28.73 10.85 9.18
C GLU A 69 27.86 9.59 9.11
N MET A 70 26.65 9.75 8.57
CA MET A 70 25.75 8.61 8.37
C MET A 70 26.40 7.60 7.44
N LEU A 71 26.97 8.07 6.35
CA LEU A 71 27.59 7.20 5.36
C LEU A 71 28.89 6.59 5.88
N SER A 72 29.62 7.32 6.72
CA SER A 72 30.82 6.79 7.38
C SER A 72 30.46 5.62 8.32
N ALA A 73 29.33 5.76 9.00
CA ALA A 73 28.79 4.71 9.86
C ALA A 73 28.21 3.53 9.07
N HIS A 74 27.92 3.73 7.78
CA HIS A 74 27.36 2.68 6.91
C HIS A 74 28.09 2.54 5.56
N PRO A 75 29.39 2.11 5.59
CA PRO A 75 30.16 1.99 4.34
C PRO A 75 29.57 1.02 3.29
N GLU A 76 28.77 0.06 3.74
CA GLU A 76 28.07 -0.88 2.85
C GLU A 76 27.20 -0.17 1.82
N PHE A 77 26.66 1.00 2.19
CA PHE A 77 25.81 1.78 1.29
C PHE A 77 26.50 2.14 -0.02
N VAL A 78 27.78 2.54 0.04
CA VAL A 78 28.47 2.94 -1.19
C VAL A 78 28.96 1.75 -2.02
N ASP A 79 29.05 0.57 -1.41
CA ASP A 79 29.44 -0.64 -2.11
C ASP A 79 28.26 -1.20 -2.92
N ARG A 80 28.36 -1.15 -4.25
CA ARG A 80 27.25 -1.50 -5.13
C ARG A 80 26.78 -2.96 -5.01
N ASP A 81 27.64 -3.82 -4.46
CA ASP A 81 27.37 -5.25 -4.38
C ASP A 81 27.01 -5.73 -2.96
N ALA A 82 27.14 -4.87 -1.97
CA ALA A 82 26.90 -5.29 -0.58
C ALA A 82 25.41 -5.27 -0.22
N PRO A 83 24.91 -6.34 0.41
CA PRO A 83 23.54 -6.25 0.94
C PRO A 83 23.47 -5.20 2.06
N SER A 84 22.46 -4.34 2.03
CA SER A 84 22.34 -3.25 3.01
C SER A 84 20.91 -2.73 3.17
N LEU A 85 19.94 -3.42 2.57
CA LEU A 85 18.54 -3.02 2.70
C LEU A 85 18.10 -2.89 4.16
N ASP A 86 18.56 -3.80 5.03
CA ASP A 86 18.16 -3.77 6.44
C ASP A 86 18.53 -2.44 7.09
N ALA A 87 19.81 -2.03 6.94
CA ALA A 87 20.29 -0.76 7.50
C ALA A 87 19.56 0.46 6.90
N ARG A 88 19.27 0.45 5.61
CA ARG A 88 18.51 1.55 4.98
C ARG A 88 17.10 1.65 5.55
N LEU A 89 16.41 0.51 5.62
CA LEU A 89 15.07 0.43 6.19
C LEU A 89 15.02 0.79 7.67
N ASP A 90 16.03 0.39 8.44
CA ASP A 90 16.12 0.76 9.86
C ASP A 90 16.17 2.28 10.06
N ILE A 91 16.94 2.98 9.24
CA ILE A 91 17.02 4.44 9.29
C ILE A 91 15.69 5.03 8.84
N ALA A 92 15.15 4.49 7.74
CA ALA A 92 13.86 4.98 7.21
C ALA A 92 12.69 4.81 8.17
N ALA A 93 12.66 3.70 8.92
CA ALA A 93 11.61 3.40 9.91
C ALA A 93 11.45 4.52 10.94
N ASP A 94 12.55 5.13 11.31
CA ASP A 94 12.54 6.25 12.24
C ASP A 94 12.42 7.61 11.56
N ALA A 95 13.16 7.78 10.45
CA ALA A 95 13.30 9.10 9.87
C ALA A 95 12.08 9.58 9.09
N VAL A 96 11.37 8.66 8.43
CA VAL A 96 10.23 9.03 7.62
C VAL A 96 9.06 9.53 8.48
N PRO A 97 8.73 8.83 9.59
CA PRO A 97 7.65 9.33 10.45
C PRO A 97 7.99 10.70 11.03
N GLU A 98 9.24 10.91 11.41
CA GLU A 98 9.69 12.22 11.94
C GLU A 98 9.45 13.32 10.89
N LEU A 99 9.89 13.07 9.65
CA LEU A 99 9.76 14.05 8.56
C LEU A 99 8.31 14.27 8.14
N ALA A 100 7.57 13.18 8.03
CA ALA A 100 6.14 13.24 7.76
C ALA A 100 5.38 14.01 8.84
N ALA A 101 5.71 13.77 10.10
CA ALA A 101 5.06 14.48 11.23
C ALA A 101 5.30 15.97 11.16
N GLU A 102 6.52 16.37 10.80
CA GLU A 102 6.82 17.80 10.64
C GLU A 102 5.94 18.46 9.55
N ALA A 103 5.80 17.81 8.40
CA ALA A 103 4.96 18.35 7.32
C ALA A 103 3.47 18.39 7.70
N ALA A 104 3.01 17.32 8.35
CA ALA A 104 1.63 17.17 8.80
C ALA A 104 1.28 18.21 9.86
N LYS A 105 2.20 18.43 10.80
CA LYS A 105 1.99 19.49 11.81
C LYS A 105 1.77 20.85 11.16
N LYS A 106 2.53 21.15 10.10
CA LYS A 106 2.36 22.44 9.41
C LYS A 106 1.04 22.49 8.65
N ALA A 107 0.64 21.39 8.03
CA ALA A 107 -0.69 21.32 7.40
C ALA A 107 -1.81 21.53 8.43
N ILE A 108 -1.70 20.87 9.58
CA ILE A 108 -2.70 20.99 10.64
C ILE A 108 -2.73 22.41 11.22
N ALA A 109 -1.56 23.02 11.44
CA ALA A 109 -1.53 24.41 11.89
C ALA A 109 -2.22 25.34 10.87
N GLU A 110 -1.98 25.12 9.58
CA GLU A 110 -2.67 25.92 8.54
C GLU A 110 -4.16 25.65 8.57
N TRP A 111 -4.53 24.36 8.61
CA TRP A 111 -5.95 23.93 8.64
C TRP A 111 -6.78 24.67 9.71
N GLY A 112 -6.25 24.72 10.93
CA GLY A 112 -6.86 25.53 12.01
C GLY A 112 -7.72 24.68 12.93
N ARG A 113 -7.66 23.36 12.75
CA ARG A 113 -8.39 22.43 13.61
C ARG A 113 -7.44 21.45 14.29
N PRO A 114 -7.86 20.85 15.43
CA PRO A 114 -7.02 19.90 16.15
C PRO A 114 -6.81 18.58 15.38
N ALA A 115 -5.65 17.95 15.62
CA ALA A 115 -5.34 16.62 15.08
C ALA A 115 -6.43 15.59 15.39
N ALA A 116 -7.08 15.73 16.54
CA ALA A 116 -8.18 14.85 16.95
C ALA A 116 -9.38 14.92 15.99
N ASP A 117 -9.45 15.95 15.15
CA ASP A 117 -10.59 16.08 14.21
C ASP A 117 -10.33 15.32 12.88
N ILE A 118 -9.12 14.79 12.71
CA ILE A 118 -8.80 13.94 11.55
C ILE A 118 -9.43 12.56 11.73
N THR A 119 -10.09 12.08 10.68
CA THR A 119 -10.84 10.83 10.74
C THR A 119 -10.21 9.74 9.88
N HIS A 120 -9.37 10.15 8.92
CA HIS A 120 -8.75 9.25 7.93
C HIS A 120 -7.31 9.69 7.73
N LEU A 121 -6.42 8.71 7.55
CA LEU A 121 -5.01 8.97 7.27
C LEU A 121 -4.58 8.10 6.10
N VAL A 122 -4.03 8.73 5.06
CA VAL A 122 -3.46 8.02 3.89
C VAL A 122 -1.98 8.40 3.79
N VAL A 123 -1.10 7.42 3.87
CA VAL A 123 0.35 7.65 3.86
C VAL A 123 0.94 6.86 2.72
N THR A 124 1.82 7.48 1.94
CA THR A 124 2.50 6.78 0.86
C THR A 124 3.98 7.11 0.84
N THR A 125 4.82 6.09 0.69
CA THR A 125 6.27 6.29 0.61
C THR A 125 6.91 5.06 0.01
N ASN A 126 7.98 5.27 -0.76
CA ASN A 126 8.83 4.16 -1.23
C ASN A 126 9.80 3.74 -0.12
N SER A 127 9.99 4.65 0.83
CA SER A 127 11.09 4.54 1.80
C SER A 127 10.57 3.89 3.08
N GLY A 128 9.99 2.70 2.94
CA GLY A 128 9.48 1.99 4.10
C GLY A 128 9.08 0.59 3.68
N ALA A 129 9.03 -0.33 4.64
CA ALA A 129 8.57 -1.70 4.37
C ALA A 129 8.34 -2.39 5.72
N HIS A 130 7.39 -1.83 6.47
CA HIS A 130 7.13 -2.22 7.86
C HIS A 130 5.63 -2.30 8.13
N VAL A 131 5.25 -3.27 8.97
CA VAL A 131 3.92 -3.33 9.56
C VAL A 131 4.15 -3.60 11.04
N PRO A 132 3.73 -2.69 11.92
CA PRO A 132 3.03 -1.44 11.58
C PRO A 132 3.92 -0.43 10.84
N GLY A 133 3.33 0.36 9.95
CA GLY A 133 4.08 1.31 9.12
C GLY A 133 4.03 2.76 9.56
N VAL A 134 4.41 3.65 8.64
CA VAL A 134 4.50 5.09 8.93
C VAL A 134 3.14 5.62 9.41
N ASP A 135 2.07 5.11 8.80
CA ASP A 135 0.70 5.49 9.18
C ASP A 135 0.46 5.25 10.68
N PHE A 136 0.87 4.08 11.19
CA PHE A 136 0.73 3.79 12.62
C PHE A 136 1.61 4.71 13.48
N ARG A 137 2.84 4.91 13.01
CA ARG A 137 3.81 5.72 13.74
C ARG A 137 3.35 7.18 13.92
N LEU A 138 2.58 7.68 12.96
CA LEU A 138 2.09 9.05 13.03
C LEU A 138 1.02 9.25 14.07
N VAL A 139 0.37 8.16 14.48
CA VAL A 139 -0.72 8.23 15.45
C VAL A 139 -0.26 8.92 16.74
N PRO A 140 0.76 8.37 17.45
CA PRO A 140 1.24 9.07 18.64
C PRO A 140 2.00 10.37 18.34
N LEU A 141 2.71 10.43 17.20
CA LEU A 141 3.47 11.62 16.81
C LEU A 141 2.57 12.84 16.65
N LEU A 142 1.36 12.63 16.13
CA LEU A 142 0.43 13.73 15.90
C LEU A 142 -0.73 13.83 16.89
N GLY A 143 -0.92 12.79 17.71
CA GLY A 143 -2.08 12.72 18.59
C GLY A 143 -3.38 12.47 17.83
N LEU A 144 -3.33 11.63 16.80
CA LEU A 144 -4.54 11.19 16.13
C LEU A 144 -5.38 10.29 17.04
N ARG A 145 -6.69 10.24 16.80
CA ARG A 145 -7.55 9.29 17.50
C ARG A 145 -7.11 7.85 17.16
N PRO A 146 -7.21 6.91 18.13
CA PRO A 146 -6.80 5.53 17.85
C PRO A 146 -7.66 4.88 16.77
N SER A 147 -8.88 5.39 16.58
CA SER A 147 -9.77 4.85 15.55
C SER A 147 -9.69 5.62 14.23
N VAL A 148 -8.59 6.34 14.00
CA VAL A 148 -8.40 6.98 12.70
C VAL A 148 -8.31 5.84 11.68
N ARG A 149 -8.94 6.03 10.52
CA ARG A 149 -8.96 5.01 9.47
C ARG A 149 -7.75 5.18 8.55
N ARG A 150 -6.78 4.27 8.69
CA ARG A 150 -5.49 4.39 8.03
C ARG A 150 -5.37 3.55 6.76
N THR A 151 -4.64 4.09 5.80
CA THR A 151 -4.26 3.37 4.58
C THR A 151 -2.78 3.56 4.38
N MET A 152 -2.03 2.47 4.38
CA MET A 152 -0.59 2.56 4.19
C MET A 152 -0.24 2.12 2.78
N LEU A 153 0.25 3.04 1.95
CA LEU A 153 0.62 2.67 0.56
C LEU A 153 2.13 2.61 0.38
N HIS A 154 2.74 1.44 0.63
CA HIS A 154 4.19 1.32 0.37
C HIS A 154 4.50 1.23 -1.12
N LEU A 155 5.53 1.98 -1.53
CA LEU A 155 6.16 1.76 -2.84
C LEU A 155 5.19 1.85 -4.01
N ASN A 156 4.72 3.07 -4.24
CA ASN A 156 3.91 3.34 -5.43
C ASN A 156 4.60 4.29 -6.43
N GLY A 157 5.85 4.68 -6.13
CA GLY A 157 6.62 5.49 -7.09
C GLY A 157 6.13 6.92 -7.32
N CYS A 158 6.40 7.45 -8.51
CA CYS A 158 6.23 8.89 -8.73
C CYS A 158 4.78 9.36 -8.75
N PHE A 159 3.84 8.48 -9.10
CA PHE A 159 2.43 8.85 -9.11
C PHE A 159 1.75 8.73 -7.74
N ALA A 160 2.51 8.32 -6.74
CA ALA A 160 1.97 7.97 -5.42
C ALA A 160 1.17 9.09 -4.76
N GLY A 161 1.65 10.33 -4.93
CA GLY A 161 0.97 11.50 -4.35
C GLY A 161 -0.42 11.71 -4.93
N CYS A 162 -0.52 11.71 -6.25
CA CYS A 162 -1.81 11.82 -6.91
C CYS A 162 -2.72 10.63 -6.61
N ALA A 163 -2.14 9.44 -6.53
CA ALA A 163 -2.88 8.21 -6.21
C ALA A 163 -3.52 8.29 -4.82
N ALA A 164 -2.75 8.81 -3.87
CA ALA A 164 -3.23 8.95 -2.50
C ALA A 164 -4.35 10.00 -2.41
N LEU A 165 -4.22 11.09 -3.19
CA LEU A 165 -5.23 12.16 -3.17
C LEU A 165 -6.52 11.74 -3.84
N ARG A 166 -6.41 10.87 -4.84
CA ARG A 166 -7.58 10.30 -5.52
C ARG A 166 -8.43 9.49 -4.51
N LEU A 167 -7.74 8.72 -3.68
CA LEU A 167 -8.36 8.00 -2.57
C LEU A 167 -8.99 8.94 -1.57
N ALA A 168 -8.28 10.02 -1.22
CA ALA A 168 -8.78 10.96 -0.22
C ALA A 168 -10.07 11.66 -0.69
N LYS A 169 -10.19 11.91 -1.99
CA LYS A 169 -11.42 12.50 -2.52
C LYS A 169 -12.61 11.63 -2.12
N ASP A 170 -12.51 10.33 -2.39
CA ASP A 170 -13.63 9.43 -2.10
C ASP A 170 -13.87 9.25 -0.60
N LEU A 171 -12.80 9.09 0.18
CA LEU A 171 -12.94 9.02 1.65
C LEU A 171 -13.60 10.27 2.25
N ALA A 172 -13.20 11.45 1.77
CA ALA A 172 -13.76 12.72 2.26
C ALA A 172 -15.23 12.90 1.89
N GLU A 173 -15.58 12.49 0.68
CA GLU A 173 -16.92 12.72 0.15
C GLU A 173 -17.94 11.68 0.64
N ASN A 174 -17.46 10.50 1.04
CA ASN A 174 -18.38 9.42 1.42
C ASN A 174 -18.85 9.38 2.89
N SER A 175 -18.29 10.26 3.72
CA SER A 175 -18.73 10.39 5.11
C SER A 175 -18.77 11.85 5.47
N ARG A 176 -19.92 12.28 6.01
CA ARG A 176 -20.12 13.66 6.40
C ARG A 176 -19.12 14.05 7.48
N GLY A 177 -18.46 15.18 7.29
CA GLY A 177 -17.48 15.68 8.25
C GLY A 177 -16.12 15.01 8.17
N ALA A 178 -15.96 14.03 7.27
CA ALA A 178 -14.66 13.35 7.14
C ALA A 178 -13.54 14.34 6.83
N ARG A 179 -12.41 14.16 7.50
CA ARG A 179 -11.23 14.99 7.29
C ARG A 179 -10.02 14.08 7.13
N VAL A 180 -9.46 14.06 5.93
CA VAL A 180 -8.39 13.11 5.57
C VAL A 180 -7.05 13.82 5.58
N LEU A 181 -6.10 13.27 6.34
CA LEU A 181 -4.72 13.68 6.27
C LEU A 181 -4.01 12.79 5.26
N VAL A 182 -3.42 13.41 4.24
CA VAL A 182 -2.65 12.68 3.21
C VAL A 182 -1.19 13.06 3.38
N VAL A 183 -0.32 12.06 3.54
CA VAL A 183 1.11 12.34 3.60
C VAL A 183 1.89 11.50 2.59
N ALA A 184 2.75 12.15 1.81
CA ALA A 184 3.72 11.49 0.96
C ALA A 184 5.12 11.91 1.40
N ALA A 185 6.03 10.95 1.47
CA ALA A 185 7.40 11.20 1.90
C ALA A 185 8.37 10.38 1.04
N GLU A 186 9.59 10.88 0.91
CA GLU A 186 10.64 10.23 0.13
C GLU A 186 12.02 10.51 0.75
N LEU A 187 12.78 9.45 0.95
CA LEU A 187 14.17 9.52 1.40
C LEU A 187 15.07 8.84 0.36
N THR A 188 15.96 9.61 -0.24
CA THR A 188 16.83 9.09 -1.31
C THR A 188 17.93 8.16 -0.79
N LEU A 189 18.13 8.09 0.52
CA LEU A 189 19.11 7.12 1.05
C LEU A 189 18.76 5.66 0.64
N MET A 190 17.49 5.41 0.34
CA MET A 190 17.06 4.08 -0.14
C MET A 190 17.77 3.66 -1.44
N TYR A 191 18.12 4.63 -2.29
CA TYR A 191 18.82 4.37 -3.57
C TYR A 191 20.33 4.57 -3.49
N PHE A 192 20.79 5.36 -2.52
CA PHE A 192 22.18 5.83 -2.49
C PHE A 192 23.21 4.72 -2.63
N THR A 193 24.06 4.83 -3.64
CA THR A 193 25.20 3.91 -3.78
C THR A 193 26.35 4.49 -4.60
N GLY A 194 27.45 3.73 -4.70
CA GLY A 194 28.62 4.11 -5.50
C GLY A 194 28.34 4.22 -6.99
N PRO A 195 29.23 4.90 -7.74
CA PRO A 195 29.03 5.18 -9.17
C PRO A 195 28.93 3.93 -10.06
N ASP A 196 28.03 3.97 -11.05
CA ASP A 196 27.93 2.88 -12.04
C ASP A 196 28.96 3.01 -13.16
N GLU A 197 29.20 1.89 -13.85
CA GLU A 197 30.12 1.85 -14.98
C GLU A 197 29.39 1.53 -16.31
N GLY A 198 28.11 1.90 -16.38
CA GLY A 198 27.34 1.82 -17.61
C GLY A 198 26.92 3.21 -18.03
N CYS A 199 25.75 3.33 -18.65
CA CYS A 199 25.04 4.59 -18.77
C CYS A 199 24.68 5.00 -17.34
N PHE A 200 24.99 6.24 -17.00
CA PHE A 200 25.15 6.64 -15.60
C PHE A 200 23.80 6.90 -14.91
N ARG A 201 23.15 5.83 -14.44
CA ARG A 201 21.80 5.93 -13.87
C ARG A 201 21.78 6.18 -12.36
N THR A 202 22.77 5.68 -11.64
CA THR A 202 22.94 6.06 -10.24
C THR A 202 23.27 7.56 -10.22
N LEU A 203 24.12 7.99 -11.16
CA LEU A 203 24.47 9.41 -11.27
C LEU A 203 23.27 10.28 -11.62
N LEU A 204 22.34 9.72 -12.41
CA LEU A 204 21.08 10.40 -12.71
C LEU A 204 20.27 10.60 -11.44
N VAL A 205 20.19 9.55 -10.62
CA VAL A 205 19.47 9.62 -9.35
C VAL A 205 20.14 10.68 -8.48
N GLN A 206 21.47 10.67 -8.45
CA GLN A 206 22.23 11.59 -7.62
C GLN A 206 22.06 13.04 -8.03
N GLY A 207 21.88 13.28 -9.32
CA GLY A 207 21.71 14.62 -9.84
C GLY A 207 20.30 15.17 -9.76
N LEU A 208 19.32 14.27 -9.66
CA LEU A 208 17.93 14.61 -9.86
C LEU A 208 17.04 14.51 -8.60
N PHE A 209 17.32 13.54 -7.73
CA PHE A 209 16.39 13.22 -6.64
C PHE A 209 16.76 13.93 -5.33
N GLY A 210 15.74 14.31 -4.56
CA GLY A 210 15.91 14.84 -3.22
C GLY A 210 14.92 14.27 -2.24
N ASP A 211 15.02 14.72 -0.99
CA ASP A 211 14.15 14.26 0.09
C ASP A 211 13.11 15.31 0.47
N GLY A 212 11.93 14.83 0.87
CA GLY A 212 10.91 15.73 1.38
C GLY A 212 9.70 14.94 1.83
N ALA A 213 8.78 15.64 2.49
CA ALA A 213 7.46 15.11 2.81
C ALA A 213 6.46 16.23 2.57
N ALA A 214 5.30 15.86 2.06
CA ALA A 214 4.20 16.80 1.90
C ALA A 214 2.95 16.20 2.53
N ALA A 215 2.21 17.04 3.25
CA ALA A 215 0.98 16.69 3.94
C ALA A 215 -0.17 17.56 3.45
N VAL A 216 -1.34 16.94 3.24
CA VAL A 216 -2.53 17.63 2.76
C VAL A 216 -3.73 17.23 3.61
N ILE A 217 -4.54 18.22 4.00
CA ILE A 217 -5.80 17.98 4.65
C ILE A 217 -6.90 18.11 3.60
N VAL A 218 -7.70 17.07 3.45
CA VAL A 218 -8.74 17.00 2.44
C VAL A 218 -10.10 16.84 3.10
N GLY A 219 -11.06 17.67 2.72
CA GLY A 219 -12.40 17.60 3.28
C GLY A 219 -13.44 18.28 2.42
N ALA A 220 -14.66 17.73 2.42
CA ALA A 220 -15.80 18.38 1.81
C ALA A 220 -16.56 19.23 2.84
N ASP A 221 -17.35 20.18 2.34
CA ASP A 221 -18.24 21.03 3.16
C ASP A 221 -17.47 21.78 4.24
N ALA A 222 -16.58 22.68 3.82
CA ALA A 222 -15.76 23.47 4.73
C ALA A 222 -16.59 24.28 5.72
N ASP A 223 -16.19 24.28 6.98
CA ASP A 223 -16.90 25.05 8.00
C ASP A 223 -16.32 26.47 8.07
N ASP A 224 -16.71 27.21 9.10
CA ASP A 224 -16.37 28.62 9.26
C ASP A 224 -14.87 28.91 9.34
N VAL A 225 -14.12 28.11 10.11
CA VAL A 225 -12.67 28.30 10.28
C VAL A 225 -11.83 27.81 9.08
N GLU A 226 -12.37 26.87 8.33
CA GLU A 226 -11.64 26.23 7.22
C GLU A 226 -11.61 27.11 5.96
N ARG A 227 -10.58 26.91 5.14
CA ARG A 227 -10.35 27.73 3.94
C ARG A 227 -9.95 26.85 2.74
N PRO A 228 -10.94 26.43 1.91
CA PRO A 228 -10.65 25.56 0.78
C PRO A 228 -9.69 26.21 -0.21
N LEU A 229 -8.71 25.45 -0.69
CA LEU A 229 -7.78 26.00 -1.65
C LEU A 229 -8.11 25.55 -3.08
N PHE A 230 -8.51 24.29 -3.21
CA PHE A 230 -8.85 23.69 -4.50
C PHE A 230 -9.86 22.58 -4.24
N GLU A 231 -10.91 22.53 -5.06
CA GLU A 231 -11.81 21.41 -5.02
C GLU A 231 -11.34 20.37 -6.02
N ILE A 232 -11.44 19.09 -5.64
CA ILE A 232 -11.06 18.01 -6.53
C ILE A 232 -12.31 17.56 -7.27
N VAL A 233 -12.40 17.96 -8.53
CA VAL A 233 -13.58 17.73 -9.35
C VAL A 233 -13.61 16.29 -9.84
N SER A 234 -12.48 15.80 -10.33
CA SER A 234 -12.39 14.43 -10.83
C SER A 234 -10.96 13.92 -10.66
N ALA A 235 -10.82 12.64 -10.35
CA ALA A 235 -9.50 11.99 -10.22
C ALA A 235 -9.53 10.76 -11.10
N ALA A 236 -8.51 10.65 -11.96
CA ALA A 236 -8.44 9.56 -12.95
C ALA A 236 -7.03 8.99 -13.08
N GLN A 237 -6.92 7.89 -13.84
CA GLN A 237 -5.67 7.18 -14.04
C GLN A 237 -5.75 6.41 -15.35
N THR A 238 -4.63 6.31 -16.06
CA THR A 238 -4.57 5.47 -17.26
C THR A 238 -3.15 5.01 -17.55
N ILE A 239 -3.01 4.16 -18.57
CA ILE A 239 -1.73 3.49 -18.87
C ILE A 239 -1.29 3.82 -20.30
N ILE A 240 0.01 4.12 -20.45
CA ILE A 240 0.63 4.21 -21.76
C ILE A 240 1.03 2.79 -22.19
N PRO A 241 0.46 2.30 -23.31
CA PRO A 241 0.74 0.92 -23.72
C PRO A 241 2.23 0.66 -23.96
N GLU A 242 2.66 -0.59 -23.77
CA GLU A 242 3.98 -1.08 -24.18
C GLU A 242 5.14 -0.24 -23.66
N SER A 243 5.06 0.13 -22.38
CA SER A 243 6.05 1.04 -21.80
C SER A 243 6.48 0.67 -20.36
N ASP A 244 6.22 -0.58 -19.94
CA ASP A 244 6.62 -1.02 -18.59
C ASP A 244 8.13 -1.23 -18.45
N HIS A 245 8.79 -1.49 -19.56
CA HIS A 245 10.25 -1.62 -19.59
C HIS A 245 11.00 -0.29 -19.46
N ALA A 246 10.34 0.83 -19.76
CA ALA A 246 11.00 2.14 -19.78
C ALA A 246 11.25 2.76 -18.41
N LEU A 247 10.52 2.31 -17.40
CA LEU A 247 10.59 2.92 -16.06
C LEU A 247 10.04 1.91 -15.06
N ASN A 248 10.83 1.59 -14.03
CA ASN A 248 10.42 0.64 -13.01
C ASN A 248 11.33 0.69 -11.79
N MET A 249 10.86 0.14 -10.68
CA MET A 249 11.63 0.12 -9.47
C MET A 249 11.21 -1.06 -8.62
N ARG A 250 12.12 -1.55 -7.79
CA ARG A 250 11.82 -2.67 -6.92
C ARG A 250 12.78 -2.65 -5.75
N PHE A 251 12.38 -3.27 -4.64
CA PHE A 251 13.32 -3.49 -3.56
C PHE A 251 14.30 -4.55 -3.99
N THR A 252 15.57 -4.34 -3.64
CA THR A 252 16.57 -5.41 -3.67
C THR A 252 17.30 -5.53 -2.35
N GLU A 253 18.05 -6.62 -2.21
CA GLU A 253 18.98 -6.80 -1.10
C GLU A 253 19.92 -5.60 -0.90
N ARG A 254 20.31 -4.96 -2.00
CA ARG A 254 21.36 -3.95 -2.00
C ARG A 254 20.86 -2.53 -1.77
N ARG A 255 19.59 -2.28 -2.12
CA ARG A 255 19.03 -0.94 -2.21
C ARG A 255 17.72 -0.98 -2.98
N LEU A 256 16.99 0.13 -2.96
CA LEU A 256 15.90 0.31 -3.90
C LEU A 256 16.52 0.55 -5.29
N ASP A 257 16.18 -0.29 -6.25
CA ASP A 257 16.82 -0.24 -7.57
C ASP A 257 15.74 -0.14 -8.62
N GLY A 258 16.12 0.14 -9.86
CA GLY A 258 15.16 0.14 -10.95
C GLY A 258 15.76 0.58 -12.26
N VAL A 259 14.90 0.97 -13.19
CA VAL A 259 15.31 1.43 -14.51
C VAL A 259 14.73 2.82 -14.73
N LEU A 260 15.60 3.78 -15.08
CA LEU A 260 15.17 5.12 -15.49
C LEU A 260 15.52 5.26 -16.96
N GLY A 261 14.66 4.76 -17.83
CA GLY A 261 14.98 4.68 -19.26
C GLY A 261 15.04 6.03 -19.96
N ARG A 262 15.91 6.13 -20.96
CA ARG A 262 16.02 7.36 -21.78
C ARG A 262 14.72 7.64 -22.57
N GLN A 263 13.88 6.61 -22.73
CA GLN A 263 12.58 6.73 -23.45
C GLN A 263 11.54 7.62 -22.76
N VAL A 264 11.66 7.76 -21.45
CA VAL A 264 10.61 8.36 -20.62
C VAL A 264 10.11 9.72 -21.13
N PRO A 265 11.00 10.72 -21.29
CA PRO A 265 10.52 12.03 -21.76
C PRO A 265 9.71 11.94 -23.06
N GLY A 266 10.23 11.21 -24.04
CA GLY A 266 9.51 11.01 -25.30
C GLY A 266 8.14 10.37 -25.12
N LEU A 267 8.07 9.30 -24.33
CA LEU A 267 6.80 8.64 -24.05
C LEU A 267 5.79 9.60 -23.42
N ILE A 268 6.26 10.45 -22.49
CA ILE A 268 5.39 11.46 -21.89
C ILE A 268 4.94 12.48 -22.94
N GLY A 269 5.90 13.03 -23.68
CA GLY A 269 5.59 13.96 -24.78
C GLY A 269 4.60 13.40 -25.79
N ASP A 270 4.80 12.14 -26.20
CA ASP A 270 3.96 11.54 -27.26
C ASP A 270 2.54 11.20 -26.80
N ASN A 271 2.34 11.07 -25.48
CA ASN A 271 1.09 10.50 -25.01
C ASN A 271 0.26 11.38 -24.08
N VAL A 272 0.91 12.38 -23.47
CA VAL A 272 0.25 13.18 -22.43
C VAL A 272 -1.11 13.75 -22.86
N GLU A 273 -1.18 14.36 -24.04
CA GLU A 273 -2.44 14.97 -24.50
C GLU A 273 -3.57 13.94 -24.61
N ARG A 274 -3.28 12.81 -25.24
CA ARG A 274 -4.25 11.72 -25.35
C ARG A 274 -4.66 11.16 -23.98
N CYS A 275 -3.69 11.02 -23.07
CA CYS A 275 -4.00 10.57 -21.71
C CYS A 275 -5.02 11.48 -21.03
N LEU A 276 -4.80 12.79 -21.10
CA LEU A 276 -5.71 13.77 -20.48
C LEU A 276 -7.11 13.74 -21.09
N LEU A 277 -7.17 13.59 -22.41
CA LEU A 277 -8.43 13.52 -23.14
C LEU A 277 -9.17 12.22 -22.84
N ASP A 278 -8.45 11.11 -22.72
CA ASP A 278 -9.04 9.84 -22.28
C ASP A 278 -9.55 9.92 -20.84
N MET A 279 -8.77 10.57 -19.96
CA MET A 279 -9.14 10.67 -18.53
C MET A 279 -10.31 11.61 -18.25
N PHE A 280 -10.30 12.79 -18.87
CA PHE A 280 -11.24 13.85 -18.49
C PHE A 280 -12.22 14.23 -19.59
N GLY A 281 -11.76 14.17 -20.84
CA GLY A 281 -12.60 14.39 -22.03
C GLY A 281 -13.75 15.38 -21.93
N PRO A 282 -14.97 14.88 -21.61
CA PRO A 282 -16.19 15.68 -21.50
C PRO A 282 -16.09 16.86 -20.50
N LEU A 283 -15.27 16.72 -19.48
CA LEU A 283 -15.15 17.72 -18.42
C LEU A 283 -14.34 18.96 -18.83
N LEU A 284 -13.64 18.86 -19.96
CA LEU A 284 -12.88 19.99 -20.51
C LEU A 284 -12.98 20.10 -22.03
N GLY A 291 -8.20 24.57 -25.45
CA GLY A 291 -6.97 25.30 -25.19
C GLY A 291 -6.40 24.87 -23.84
N TRP A 292 -5.28 24.15 -23.87
CA TRP A 292 -4.62 23.74 -22.63
C TRP A 292 -4.15 24.94 -21.80
N ASN A 293 -4.01 26.09 -22.45
CA ASN A 293 -3.63 27.33 -21.74
C ASN A 293 -4.76 27.97 -20.93
N ASP A 294 -5.98 27.42 -21.06
CA ASP A 294 -7.10 27.87 -20.22
C ASP A 294 -7.06 27.26 -18.81
N LEU A 295 -6.16 26.30 -18.58
CA LEU A 295 -6.04 25.61 -17.29
C LEU A 295 -4.81 26.04 -16.52
N PHE A 296 -4.82 25.83 -15.21
CA PHE A 296 -3.58 25.91 -14.43
C PHE A 296 -2.96 24.51 -14.31
N TRP A 297 -1.71 24.43 -13.86
CA TRP A 297 -0.96 23.17 -13.89
C TRP A 297 -0.10 22.96 -12.66
N ALA A 298 -0.24 21.79 -12.06
CA ALA A 298 0.68 21.33 -11.01
C ALA A 298 1.12 19.94 -11.46
N VAL A 299 2.31 19.85 -12.04
CA VAL A 299 2.76 18.61 -12.67
C VAL A 299 4.03 18.11 -11.98
N HIS A 300 4.09 16.81 -11.74
CA HIS A 300 5.31 16.18 -11.21
C HIS A 300 6.42 16.44 -12.22
N PRO A 301 7.42 17.27 -11.83
CA PRO A 301 8.38 17.77 -12.84
C PRO A 301 9.19 16.69 -13.56
N GLY A 302 9.73 15.72 -12.84
CA GLY A 302 10.58 14.68 -13.43
C GLY A 302 11.98 15.17 -13.75
N SER A 303 12.07 16.04 -14.74
CA SER A 303 13.32 16.67 -15.16
C SER A 303 12.93 17.87 -15.99
N SER A 304 13.93 18.67 -16.33
CA SER A 304 13.78 19.81 -17.20
C SER A 304 13.25 19.37 -18.58
N THR A 305 13.77 18.25 -19.06
CA THR A 305 13.43 17.69 -20.37
C THR A 305 11.98 17.20 -20.41
N ILE A 306 11.54 16.51 -19.35
CA ILE A 306 10.15 16.07 -19.24
C ILE A 306 9.18 17.26 -19.23
N MET A 307 9.52 18.29 -18.46
CA MET A 307 8.76 19.54 -18.50
C MET A 307 8.70 20.14 -19.92
N ASP A 308 9.83 20.13 -20.64
CA ASP A 308 9.89 20.64 -22.02
C ASP A 308 8.98 19.82 -22.94
N GLN A 309 9.00 18.50 -22.74
CA GLN A 309 8.12 17.58 -23.46
C GLN A 309 6.65 17.91 -23.24
N VAL A 310 6.28 18.20 -21.99
CA VAL A 310 4.90 18.51 -21.65
C VAL A 310 4.48 19.85 -22.26
N ASP A 311 5.34 20.86 -22.13
CA ASP A 311 5.15 22.17 -22.78
C ASP A 311 4.89 22.05 -24.27
N ALA A 312 5.74 21.28 -24.95
CA ALA A 312 5.64 21.12 -26.41
C ALA A 312 4.36 20.39 -26.81
N ALA A 313 4.06 19.27 -26.13
CA ALA A 313 2.90 18.44 -26.44
C ALA A 313 1.57 19.18 -26.29
N LEU A 314 1.51 20.06 -25.29
CA LEU A 314 0.28 20.73 -24.95
C LEU A 314 0.24 22.19 -25.44
N GLY A 315 1.34 22.63 -26.06
CA GLY A 315 1.46 24.00 -26.59
C GLY A 315 1.35 25.03 -25.47
N LEU A 316 1.93 24.70 -24.32
CA LEU A 316 1.84 25.52 -23.11
C LEU A 316 2.69 26.78 -23.17
N GLU A 317 2.15 27.85 -22.61
CA GLU A 317 2.89 29.09 -22.41
C GLU A 317 3.96 28.89 -21.31
N PRO A 318 5.05 29.68 -21.37
CA PRO A 318 6.17 29.64 -20.41
C PRO A 318 5.77 29.64 -18.92
N GLY A 319 4.78 30.45 -18.55
CA GLY A 319 4.37 30.56 -17.13
C GLY A 319 3.58 29.38 -16.57
N LYS A 320 3.08 28.53 -17.45
CA LYS A 320 2.18 27.44 -17.04
C LYS A 320 2.84 26.37 -16.18
N LEU A 321 4.03 25.92 -16.59
CA LEU A 321 4.76 24.94 -15.79
C LEU A 321 5.78 25.57 -14.84
N ALA A 322 5.70 26.89 -14.65
CA ALA A 322 6.64 27.61 -13.78
C ALA A 322 6.65 27.10 -12.31
N ALA A 323 5.48 26.88 -11.72
CA ALA A 323 5.44 26.34 -10.34
C ALA A 323 6.12 24.97 -10.25
N SER A 324 5.80 24.09 -11.20
CA SER A 324 6.38 22.76 -11.28
C SER A 324 7.91 22.78 -11.47
N ARG A 325 8.37 23.66 -12.36
CA ARG A 325 9.80 23.88 -12.59
C ARG A 325 10.48 24.45 -11.34
N ARG A 326 9.82 25.40 -10.68
CA ARG A 326 10.37 25.98 -9.44
C ARG A 326 10.64 24.88 -8.41
N VAL A 327 9.67 24.01 -8.17
CA VAL A 327 9.84 22.93 -7.21
C VAL A 327 11.03 22.05 -7.58
N LEU A 328 11.11 21.68 -8.86
CA LEU A 328 12.25 20.89 -9.35
C LEU A 328 13.55 21.63 -9.07
N SER A 329 13.56 22.93 -9.37
CA SER A 329 14.71 23.75 -9.11
C SER A 329 15.08 23.81 -7.63
N ASP A 330 14.06 23.97 -6.78
CA ASP A 330 14.29 24.23 -5.35
C ASP A 330 14.50 23.00 -4.47
N TYR A 331 14.07 21.82 -4.95
CA TYR A 331 14.00 20.60 -4.13
C TYR A 331 14.45 19.31 -4.84
N GLY A 332 14.58 19.36 -6.15
CA GLY A 332 14.71 18.15 -6.95
C GLY A 332 13.45 17.30 -6.94
N ASN A 333 13.53 16.12 -7.55
CA ASN A 333 12.42 15.19 -7.62
C ASN A 333 12.31 14.49 -6.26
N MET A 334 11.15 14.58 -5.63
CA MET A 334 10.93 13.92 -4.34
C MET A 334 9.86 12.85 -4.46
N SER A 335 9.89 12.12 -5.57
CA SER A 335 8.88 11.07 -5.82
C SER A 335 7.45 11.61 -5.60
N GLY A 336 6.62 10.84 -4.88
CA GLY A 336 5.21 11.14 -4.69
C GLY A 336 4.85 12.51 -4.12
N ALA A 337 5.72 13.03 -3.24
CA ALA A 337 5.50 14.36 -2.62
C ALA A 337 5.65 15.55 -3.57
N THR A 338 6.44 15.38 -4.63
CA THR A 338 6.82 16.49 -5.53
C THR A 338 5.63 17.27 -6.08
N VAL A 339 4.61 16.56 -6.53
CA VAL A 339 3.43 17.17 -7.15
C VAL A 339 2.62 18.02 -6.15
N ILE A 340 2.69 17.64 -4.88
CA ILE A 340 2.03 18.42 -3.82
C ILE A 340 2.81 19.70 -3.48
N PHE A 341 4.16 19.62 -3.42
CA PHE A 341 5.01 20.81 -3.39
C PHE A 341 4.64 21.73 -4.55
N ALA A 342 4.41 21.16 -5.73
CA ALA A 342 4.05 21.97 -6.89
C ALA A 342 2.71 22.68 -6.68
N LEU A 343 1.75 21.99 -6.06
CA LEU A 343 0.44 22.58 -5.79
C LEU A 343 0.56 23.72 -4.78
N ASP A 344 1.41 23.49 -3.79
CA ASP A 344 1.69 24.48 -2.75
C ASP A 344 2.35 25.73 -3.33
N GLU A 345 3.33 25.53 -4.22
CA GLU A 345 3.98 26.63 -4.95
C GLU A 345 2.98 27.40 -5.83
N LEU A 346 2.09 26.67 -6.49
CA LEU A 346 1.07 27.27 -7.36
C LEU A 346 0.16 28.21 -6.56
N ARG A 347 -0.22 27.77 -5.38
CA ARG A 347 -1.10 28.53 -4.50
C ARG A 347 -0.41 29.78 -3.91
N ARG A 348 0.92 29.73 -3.80
CA ARG A 348 1.68 30.91 -3.36
C ARG A 348 1.84 31.94 -4.47
N GLN A 349 1.96 31.48 -5.71
CA GLN A 349 2.12 32.37 -6.87
C GLN A 349 0.86 33.20 -7.19
N PRO A 360 -7.11 31.43 -14.12
CA PRO A 360 -7.85 30.21 -14.49
C PRO A 360 -8.55 29.56 -13.30
N GLU A 361 -9.76 29.08 -13.54
CA GLU A 361 -10.59 28.48 -12.49
C GLU A 361 -10.42 26.96 -12.43
N LEU A 362 -10.14 26.36 -13.58
CA LEU A 362 -9.97 24.91 -13.69
C LEU A 362 -8.50 24.59 -13.95
N GLY A 363 -8.05 23.43 -13.49
CA GLY A 363 -6.64 23.06 -13.61
C GLY A 363 -6.38 21.57 -13.47
N VAL A 364 -5.15 21.17 -13.80
CA VAL A 364 -4.77 19.78 -13.81
C VAL A 364 -3.57 19.56 -12.89
N MET A 365 -3.72 18.59 -12.01
CA MET A 365 -2.63 18.13 -11.16
C MET A 365 -2.34 16.71 -11.58
N MET A 366 -1.13 16.45 -12.08
CA MET A 366 -0.80 15.12 -12.61
C MET A 366 0.66 14.68 -12.39
N ALA A 367 0.85 13.36 -12.41
CA ALA A 367 2.15 12.73 -12.23
C ALA A 367 2.24 11.47 -13.08
N PHE A 368 3.37 11.30 -13.75
CA PHE A 368 3.67 10.06 -14.48
C PHE A 368 4.59 9.19 -13.62
N GLY A 369 4.42 7.88 -13.71
CA GLY A 369 5.30 6.93 -13.02
C GLY A 369 5.33 5.62 -13.76
N PRO A 370 5.95 4.58 -13.17
CA PRO A 370 6.11 3.27 -13.79
C PRO A 370 4.79 2.64 -14.22
N GLY A 371 4.80 1.96 -15.36
CA GLY A 371 3.59 1.46 -16.00
C GLY A 371 3.78 1.41 -17.51
N MET A 372 3.95 2.55 -18.16
CA MET A 372 3.88 3.87 -17.53
C MET A 372 2.46 4.26 -17.16
N THR A 373 2.30 4.89 -15.99
CA THR A 373 0.98 5.32 -15.58
C THR A 373 0.92 6.82 -15.35
N VAL A 374 -0.23 7.39 -15.69
CA VAL A 374 -0.55 8.78 -15.36
C VAL A 374 -1.68 8.78 -14.35
N ASP A 375 -1.48 9.49 -13.24
CA ASP A 375 -2.53 9.78 -12.28
C ASP A 375 -2.79 11.27 -12.36
N ALA A 376 -4.04 11.65 -12.52
CA ALA A 376 -4.37 13.08 -12.64
C ALA A 376 -5.68 13.44 -11.94
N MET A 377 -5.75 14.69 -11.48
CA MET A 377 -6.98 15.26 -10.93
C MET A 377 -7.36 16.55 -11.64
N LEU A 378 -8.66 16.74 -11.84
CA LEU A 378 -9.15 18.02 -12.31
C LEU A 378 -9.50 18.86 -11.08
N LEU A 379 -8.86 20.02 -10.97
CA LEU A 379 -9.01 20.87 -9.80
C LEU A 379 -9.76 22.14 -10.13
N HIS A 380 -10.51 22.64 -9.16
CA HIS A 380 -11.24 23.89 -9.30
C HIS A 380 -10.76 24.83 -8.20
N ALA A 381 -10.32 26.02 -8.58
CA ALA A 381 -9.67 26.92 -7.61
C ALA A 381 -10.62 27.93 -6.99
N THR A 382 -10.58 28.01 -5.66
CA THR A 382 -11.34 28.99 -4.89
C THR A 382 -11.07 30.42 -5.38
N SER A 383 -12.13 31.12 -5.74
CA SER A 383 -12.03 32.45 -6.35
C SER A 383 -12.04 33.61 -5.34
N SER B 4 -18.92 13.25 -11.44
CA SER B 4 -19.69 13.89 -10.32
C SER B 4 -21.11 13.31 -10.19
N GLN B 5 -21.25 12.02 -10.47
CA GLN B 5 -22.48 11.30 -10.17
C GLN B 5 -22.12 10.21 -9.16
N ARG B 6 -22.72 10.27 -7.98
CA ARG B 6 -22.43 9.33 -6.90
C ARG B 6 -23.41 8.15 -6.90
N ALA B 7 -23.07 7.08 -6.19
CA ALA B 7 -24.00 5.95 -6.01
C ALA B 7 -25.07 6.32 -4.97
N ASP B 8 -26.19 5.59 -4.99
CA ASP B 8 -27.31 5.88 -4.08
C ASP B 8 -27.23 5.15 -2.74
N GLY B 9 -27.01 3.84 -2.80
CA GLY B 9 -27.12 2.98 -1.61
C GLY B 9 -25.81 2.43 -1.12
N LEU B 10 -25.88 1.47 -0.21
CA LEU B 10 -24.70 0.82 0.39
C LEU B 10 -23.90 -0.02 -0.61
N ALA B 11 -22.58 0.00 -0.45
CA ALA B 11 -21.72 -0.93 -1.20
C ALA B 11 -22.06 -2.36 -0.78
N ALA B 12 -22.02 -3.28 -1.73
CA ALA B 12 -22.34 -4.67 -1.46
C ALA B 12 -21.26 -5.57 -2.04
N VAL B 13 -20.96 -6.67 -1.35
CA VAL B 13 -20.15 -7.75 -1.92
C VAL B 13 -21.01 -8.49 -2.93
N LEU B 14 -20.57 -8.49 -4.19
CA LEU B 14 -21.35 -9.05 -5.30
C LEU B 14 -20.83 -10.39 -5.82
N ALA B 15 -19.62 -10.75 -5.43
CA ALA B 15 -19.01 -12.03 -5.77
C ALA B 15 -17.75 -12.21 -4.95
N ILE B 16 -17.42 -13.47 -4.69
CA ILE B 16 -16.16 -13.87 -4.05
C ILE B 16 -15.58 -15.00 -4.89
N GLY B 17 -14.28 -14.93 -5.17
CA GLY B 17 -13.55 -15.98 -5.87
C GLY B 17 -12.23 -16.21 -5.15
N THR B 18 -11.81 -17.46 -5.05
CA THR B 18 -10.57 -17.76 -4.34
C THR B 18 -9.71 -18.70 -5.19
N ALA B 19 -8.43 -18.78 -4.88
CA ALA B 19 -7.51 -19.71 -5.55
C ALA B 19 -6.36 -20.04 -4.62
N ASN B 20 -5.76 -21.20 -4.82
CA ASN B 20 -4.56 -21.61 -4.10
C ASN B 20 -3.62 -22.29 -5.08
N PRO B 21 -2.29 -22.29 -4.79
CA PRO B 21 -1.34 -23.06 -5.58
C PRO B 21 -1.74 -24.55 -5.61
N PRO B 22 -1.34 -25.31 -6.67
CA PRO B 22 -1.82 -26.70 -6.78
C PRO B 22 -1.22 -27.68 -5.76
N ASN B 23 0.02 -27.42 -5.34
CA ASN B 23 0.71 -28.28 -4.38
C ASN B 23 0.07 -28.28 -2.98
N CYS B 24 -0.73 -29.30 -2.70
CA CYS B 24 -1.36 -29.45 -1.39
C CYS B 24 -0.43 -30.23 -0.45
N VAL B 25 -0.26 -29.75 0.78
CA VAL B 25 0.58 -30.47 1.76
C VAL B 25 -0.16 -30.60 3.09
N THR B 26 -0.35 -31.84 3.55
CA THR B 26 -1.02 -32.12 4.83
C THR B 26 -0.08 -31.88 6.02
N GLN B 27 -0.66 -31.53 7.17
CA GLN B 27 0.14 -31.29 8.39
C GLN B 27 0.92 -32.51 8.85
N GLU B 28 0.44 -33.71 8.50
CA GLU B 28 1.10 -34.96 8.88
C GLU B 28 2.44 -35.17 8.18
N GLU B 29 2.56 -34.70 6.94
CA GLU B 29 3.79 -34.88 6.15
C GLU B 29 4.75 -33.68 6.23
N ILE B 30 4.27 -32.57 6.80
CA ILE B 30 5.06 -31.33 6.90
C ILE B 30 6.34 -31.46 7.75
N PRO B 31 6.26 -32.04 8.98
CA PRO B 31 7.48 -32.20 9.78
C PRO B 31 8.61 -32.92 9.06
N ASP B 32 8.32 -34.08 8.47
CA ASP B 32 9.32 -34.84 7.70
C ASP B 32 9.85 -34.04 6.53
N PHE B 33 8.95 -33.49 5.71
CA PHE B 33 9.32 -32.73 4.53
C PHE B 33 10.23 -31.53 4.86
N TYR B 34 9.82 -30.74 5.86
CA TYR B 34 10.55 -29.53 6.23
C TYR B 34 11.94 -29.83 6.80
N PHE B 35 12.04 -30.85 7.65
CA PHE B 35 13.32 -31.17 8.30
C PHE B 35 14.31 -31.89 7.38
N ARG B 36 13.79 -32.58 6.37
CA ARG B 36 14.65 -33.18 5.36
C ARG B 36 15.24 -32.08 4.46
N VAL B 37 14.36 -31.31 3.83
CA VAL B 37 14.75 -30.26 2.88
C VAL B 37 15.63 -29.13 3.47
N THR B 38 15.55 -28.92 4.78
CA THR B 38 16.45 -27.95 5.43
C THR B 38 17.68 -28.61 6.07
N ASN B 39 17.95 -29.86 5.70
CA ASN B 39 19.08 -30.63 6.25
C ASN B 39 19.12 -30.56 7.78
N SER B 40 18.00 -30.88 8.41
CA SER B 40 17.84 -30.65 9.86
C SER B 40 17.37 -31.90 10.61
N ASP B 41 17.50 -33.07 9.96
CA ASP B 41 17.01 -34.33 10.52
C ASP B 41 17.70 -34.72 11.84
N HIS B 42 18.87 -34.15 12.11
CA HIS B 42 19.60 -34.44 13.35
C HIS B 42 19.00 -33.71 14.57
N LEU B 43 18.11 -32.75 14.30
CA LEU B 43 17.49 -31.97 15.36
C LEU B 43 16.18 -32.61 15.86
N THR B 44 16.34 -33.73 16.58
CA THR B 44 15.24 -34.57 17.03
C THR B 44 14.21 -33.85 17.91
N ALA B 45 14.70 -33.05 18.86
CA ALA B 45 13.85 -32.32 19.82
C ALA B 45 13.17 -31.13 19.17
N LEU B 46 13.88 -30.47 18.27
CA LEU B 46 13.33 -29.33 17.55
C LEU B 46 12.15 -29.78 16.68
N LYS B 47 12.35 -30.89 15.97
CA LYS B 47 11.32 -31.51 15.16
C LYS B 47 10.09 -31.92 15.98
N ASP B 48 10.31 -32.35 17.23
CA ASP B 48 9.22 -32.63 18.17
C ASP B 48 8.39 -31.37 18.43
N LYS B 49 9.04 -30.25 18.75
CA LYS B 49 8.33 -28.99 18.90
C LYS B 49 7.51 -28.69 17.65
N PHE B 50 8.11 -28.93 16.49
CA PHE B 50 7.45 -28.63 15.21
C PHE B 50 6.22 -29.50 14.96
N LYS B 51 6.36 -30.82 15.19
CA LYS B 51 5.21 -31.74 15.19
C LYS B 51 4.06 -31.23 16.05
N ARG B 52 4.36 -30.89 17.30
CA ARG B 52 3.38 -30.34 18.23
C ARG B 52 2.69 -29.09 17.70
N ILE B 53 3.47 -28.17 17.14
CA ILE B 53 2.89 -26.96 16.55
C ILE B 53 1.95 -27.32 15.40
N CYS B 54 2.37 -28.28 14.57
CA CYS B 54 1.61 -28.71 13.41
C CYS B 54 0.32 -29.45 13.78
N GLN B 55 0.35 -30.19 14.88
CA GLN B 55 -0.79 -31.02 15.26
C GLN B 55 -1.82 -30.29 16.12
N GLU B 56 -1.40 -29.26 16.85
CA GLU B 56 -2.22 -28.79 17.97
C GLU B 56 -2.79 -27.38 17.81
N MET B 57 -2.43 -26.70 16.73
CA MET B 57 -2.79 -25.28 16.60
C MET B 57 -3.92 -24.97 15.58
N GLY B 58 -4.58 -26.01 15.06
CA GLY B 58 -5.80 -25.86 14.28
C GLY B 58 -5.75 -25.95 12.75
N VAL B 59 -4.57 -26.24 12.21
CA VAL B 59 -4.38 -26.35 10.75
C VAL B 59 -4.27 -27.83 10.34
N GLN B 60 -4.93 -28.23 9.27
CA GLN B 60 -4.85 -29.63 8.80
C GLN B 60 -4.17 -29.76 7.43
N ARG B 61 -4.39 -28.79 6.56
CA ARG B 61 -3.66 -28.75 5.28
C ARG B 61 -3.42 -27.33 4.78
N ARG B 62 -2.50 -27.23 3.83
CA ARG B 62 -2.12 -25.97 3.21
C ARG B 62 -1.67 -26.19 1.77
N TYR B 63 -1.74 -25.11 1.00
CA TYR B 63 -1.32 -25.08 -0.38
C TYR B 63 -0.10 -24.17 -0.50
N LEU B 64 0.98 -24.67 -1.09
CA LEU B 64 2.23 -23.91 -1.14
C LEU B 64 2.72 -23.78 -2.58
N HIS B 65 3.12 -22.57 -2.98
CA HIS B 65 3.66 -22.37 -4.33
C HIS B 65 5.06 -23.01 -4.46
N HIS B 66 5.86 -22.90 -3.40
CA HIS B 66 7.20 -23.49 -3.40
C HIS B 66 7.11 -25.00 -3.27
N THR B 67 8.07 -25.66 -3.90
CA THR B 67 8.16 -27.10 -3.94
C THR B 67 9.59 -27.52 -3.63
N GLU B 68 9.81 -28.82 -3.50
CA GLU B 68 11.16 -29.36 -3.36
C GLU B 68 12.05 -28.93 -4.54
N GLU B 69 11.49 -28.97 -5.75
CA GLU B 69 12.20 -28.56 -6.97
C GLU B 69 12.66 -27.09 -6.88
N MET B 70 11.73 -26.21 -6.53
CA MET B 70 12.04 -24.80 -6.39
C MET B 70 13.09 -24.59 -5.29
N LEU B 71 12.96 -25.31 -4.18
CA LEU B 71 13.93 -25.21 -3.10
C LEU B 71 15.34 -25.68 -3.47
N SER B 72 15.42 -26.75 -4.27
CA SER B 72 16.70 -27.23 -4.83
C SER B 72 17.37 -26.19 -5.69
N ALA B 73 16.57 -25.51 -6.52
CA ALA B 73 17.08 -24.47 -7.41
C ALA B 73 17.51 -23.21 -6.64
N HIS B 74 17.03 -23.05 -5.41
CA HIS B 74 17.37 -21.89 -4.56
C HIS B 74 17.85 -22.29 -3.15
N PRO B 75 19.07 -22.87 -3.06
CA PRO B 75 19.56 -23.31 -1.74
C PRO B 75 19.73 -22.17 -0.73
N GLU B 76 19.98 -20.95 -1.21
CA GLU B 76 20.14 -19.80 -0.29
C GLU B 76 18.89 -19.53 0.55
N PHE B 77 17.72 -19.95 0.07
CA PHE B 77 16.46 -19.81 0.82
C PHE B 77 16.57 -20.48 2.19
N VAL B 78 17.23 -21.63 2.19
CA VAL B 78 17.36 -22.51 3.35
C VAL B 78 18.36 -21.95 4.35
N ASP B 79 19.37 -21.25 3.86
CA ASP B 79 20.37 -20.60 4.71
C ASP B 79 19.78 -19.36 5.40
N ARG B 80 19.72 -19.39 6.73
CA ARG B 80 19.13 -18.29 7.52
C ARG B 80 19.90 -16.98 7.42
N ASP B 81 21.16 -17.07 7.00
CA ASP B 81 22.05 -15.91 6.95
C ASP B 81 22.30 -15.39 5.53
N ALA B 82 21.81 -16.09 4.51
CA ALA B 82 22.13 -15.71 3.13
C ALA B 82 21.16 -14.66 2.60
N PRO B 83 21.68 -13.63 1.93
CA PRO B 83 20.76 -12.67 1.28
C PRO B 83 20.02 -13.37 0.15
N SER B 84 18.69 -13.28 0.13
CA SER B 84 17.91 -13.98 -0.90
C SER B 84 16.60 -13.28 -1.25
N LEU B 85 16.45 -12.03 -0.82
CA LEU B 85 15.24 -11.27 -1.11
C LEU B 85 14.97 -11.10 -2.62
N ASP B 86 16.03 -10.86 -3.41
CA ASP B 86 15.89 -10.69 -4.87
C ASP B 86 15.25 -11.93 -5.53
N ALA B 87 15.77 -13.11 -5.20
CA ALA B 87 15.27 -14.37 -5.77
C ALA B 87 13.82 -14.65 -5.39
N ARG B 88 13.45 -14.34 -4.15
CA ARG B 88 12.08 -14.52 -3.66
C ARG B 88 11.15 -13.54 -4.37
N LEU B 89 11.58 -12.28 -4.46
CA LEU B 89 10.79 -11.25 -5.14
C LEU B 89 10.62 -11.51 -6.63
N ASP B 90 11.67 -12.05 -7.28
CA ASP B 90 11.60 -12.45 -8.69
C ASP B 90 10.53 -13.51 -8.97
N ILE B 91 10.45 -14.52 -8.11
CA ILE B 91 9.43 -15.56 -8.20
C ILE B 91 8.04 -14.93 -8.00
N ALA B 92 7.92 -14.11 -6.95
CA ALA B 92 6.65 -13.50 -6.58
C ALA B 92 6.12 -12.52 -7.63
N ALA B 93 7.03 -11.84 -8.32
CA ALA B 93 6.66 -10.90 -9.37
C ALA B 93 5.77 -11.56 -10.43
N ASP B 94 6.03 -12.84 -10.67
CA ASP B 94 5.33 -13.64 -11.68
C ASP B 94 4.19 -14.46 -11.08
N ALA B 95 4.48 -15.14 -9.97
CA ALA B 95 3.50 -16.04 -9.36
C ALA B 95 2.29 -15.34 -8.75
N VAL B 96 2.50 -14.21 -8.07
CA VAL B 96 1.36 -13.56 -7.42
C VAL B 96 0.32 -13.09 -8.45
N PRO B 97 0.74 -12.38 -9.52
CA PRO B 97 -0.32 -11.96 -10.44
C PRO B 97 -1.06 -13.13 -11.06
N GLU B 98 -0.37 -14.27 -11.29
CA GLU B 98 -1.05 -15.45 -11.86
C GLU B 98 -2.09 -16.05 -10.90
N LEU B 99 -1.73 -16.20 -9.63
CA LEU B 99 -2.65 -16.71 -8.61
C LEU B 99 -3.83 -15.77 -8.40
N ALA B 100 -3.52 -14.46 -8.27
CA ALA B 100 -4.53 -13.41 -8.16
C ALA B 100 -5.51 -13.41 -9.33
N ALA B 101 -4.98 -13.62 -10.54
CA ALA B 101 -5.77 -13.68 -11.78
C ALA B 101 -6.78 -14.83 -11.75
N GLU B 102 -6.33 -16.01 -11.29
CA GLU B 102 -7.23 -17.15 -11.08
C GLU B 102 -8.37 -16.79 -10.11
N ALA B 103 -8.06 -16.20 -8.96
CA ALA B 103 -9.12 -15.85 -8.00
C ALA B 103 -10.07 -14.84 -8.63
N ALA B 104 -9.49 -13.83 -9.28
CA ALA B 104 -10.25 -12.74 -9.89
C ALA B 104 -11.21 -13.21 -10.97
N LYS B 105 -10.74 -14.12 -11.82
CA LYS B 105 -11.58 -14.71 -12.87
C LYS B 105 -12.76 -15.49 -12.30
N LYS B 106 -12.56 -16.23 -11.22
CA LYS B 106 -13.68 -16.92 -10.57
C LYS B 106 -14.71 -15.93 -10.01
N ALA B 107 -14.21 -14.83 -9.43
CA ALA B 107 -15.09 -13.78 -8.90
C ALA B 107 -15.89 -13.14 -10.02
N ILE B 108 -15.21 -12.83 -11.12
CA ILE B 108 -15.84 -12.22 -12.29
C ILE B 108 -16.91 -13.16 -12.89
N ALA B 109 -16.58 -14.45 -13.00
CA ALA B 109 -17.56 -15.42 -13.54
C ALA B 109 -18.80 -15.50 -12.65
N GLU B 110 -18.62 -15.51 -11.33
CA GLU B 110 -19.75 -15.48 -10.40
C GLU B 110 -20.57 -14.20 -10.58
N TRP B 111 -19.86 -13.08 -10.69
CA TRP B 111 -20.44 -11.74 -10.80
C TRP B 111 -21.37 -11.65 -12.00
N GLY B 112 -20.91 -12.13 -13.15
CA GLY B 112 -21.77 -12.28 -14.32
C GLY B 112 -21.68 -11.15 -15.32
N ARG B 113 -20.87 -10.13 -15.01
CA ARG B 113 -20.61 -9.08 -15.98
C ARG B 113 -19.17 -9.18 -16.50
N PRO B 114 -18.87 -8.59 -17.68
CA PRO B 114 -17.53 -8.64 -18.27
C PRO B 114 -16.49 -7.88 -17.43
N ALA B 115 -15.23 -8.29 -17.53
CA ALA B 115 -14.14 -7.62 -16.82
C ALA B 115 -14.02 -6.14 -17.21
N ALA B 116 -14.39 -5.83 -18.45
CA ALA B 116 -14.43 -4.45 -18.95
C ALA B 116 -15.31 -3.51 -18.12
N ASP B 117 -16.24 -4.07 -17.35
CA ASP B 117 -17.12 -3.28 -16.49
C ASP B 117 -16.51 -2.89 -15.13
N ILE B 118 -15.36 -3.47 -14.79
CA ILE B 118 -14.66 -3.08 -13.56
C ILE B 118 -14.07 -1.67 -13.73
N THR B 119 -14.35 -0.80 -12.75
CA THR B 119 -13.91 0.61 -12.77
C THR B 119 -12.73 0.92 -11.83
N HIS B 120 -12.57 0.11 -10.78
CA HIS B 120 -11.52 0.31 -9.79
C HIS B 120 -10.92 -1.04 -9.47
N LEU B 121 -9.64 -1.04 -9.12
CA LEU B 121 -8.93 -2.25 -8.72
C LEU B 121 -8.12 -1.95 -7.49
N VAL B 122 -8.33 -2.73 -6.43
CA VAL B 122 -7.58 -2.58 -5.21
C VAL B 122 -6.88 -3.89 -4.90
N VAL B 123 -5.55 -3.87 -4.88
CA VAL B 123 -4.77 -5.09 -4.68
C VAL B 123 -3.89 -4.96 -3.44
N THR B 124 -3.84 -6.01 -2.64
CA THR B 124 -2.95 -6.01 -1.48
C THR B 124 -2.18 -7.32 -1.33
N THR B 125 -0.88 -7.22 -1.06
CA THR B 125 -0.03 -8.41 -0.84
C THR B 125 1.23 -8.02 -0.07
N ASN B 126 1.68 -8.93 0.80
CA ASN B 126 3.01 -8.84 1.40
C ASN B 126 4.06 -9.33 0.40
N SER B 127 3.59 -10.06 -0.61
CA SER B 127 4.43 -10.85 -1.48
C SER B 127 4.77 -10.11 -2.80
N GLY B 128 5.31 -8.90 -2.66
CA GLY B 128 5.69 -8.09 -3.82
C GLY B 128 6.27 -6.78 -3.35
N ALA B 129 7.08 -6.15 -4.19
CA ALA B 129 7.72 -4.88 -3.91
C ALA B 129 8.19 -4.29 -5.23
N HIS B 130 7.22 -4.04 -6.12
CA HIS B 130 7.47 -3.69 -7.51
C HIS B 130 6.57 -2.55 -7.98
N VAL B 131 7.12 -1.66 -8.81
CA VAL B 131 6.33 -0.66 -9.52
C VAL B 131 6.79 -0.69 -11.00
N PRO B 132 5.88 -0.99 -11.94
CA PRO B 132 4.47 -1.35 -11.78
C PRO B 132 4.33 -2.65 -10.98
N GLY B 133 3.26 -2.76 -10.22
CA GLY B 133 3.07 -3.85 -9.27
C GLY B 133 2.04 -4.86 -9.75
N VAL B 134 1.52 -5.68 -8.85
CA VAL B 134 0.54 -6.73 -9.19
C VAL B 134 -0.70 -6.14 -9.86
N ASP B 135 -1.12 -4.97 -9.38
CA ASP B 135 -2.32 -4.31 -9.90
C ASP B 135 -2.17 -4.03 -11.40
N PHE B 136 -1.01 -3.50 -11.79
CA PHE B 136 -0.75 -3.23 -13.20
C PHE B 136 -0.69 -4.54 -13.98
N ARG B 137 -0.03 -5.55 -13.42
CA ARG B 137 0.08 -6.86 -14.07
C ARG B 137 -1.27 -7.54 -14.34
N LEU B 138 -2.24 -7.32 -13.46
CA LEU B 138 -3.60 -7.87 -13.64
C LEU B 138 -4.37 -7.27 -14.81
N VAL B 139 -4.00 -6.06 -15.22
CA VAL B 139 -4.70 -5.41 -16.35
C VAL B 139 -4.70 -6.29 -17.62
N PRO B 140 -3.52 -6.68 -18.13
CA PRO B 140 -3.60 -7.55 -19.32
C PRO B 140 -4.11 -8.95 -19.00
N LEU B 141 -3.79 -9.45 -17.80
CA LEU B 141 -4.25 -10.77 -17.39
C LEU B 141 -5.78 -10.89 -17.34
N LEU B 142 -6.47 -9.83 -16.95
CA LEU B 142 -7.94 -9.90 -16.80
C LEU B 142 -8.68 -9.22 -17.95
N GLY B 143 -7.97 -8.40 -18.71
CA GLY B 143 -8.57 -7.62 -19.77
C GLY B 143 -9.27 -6.39 -19.21
N LEU B 144 -8.74 -5.83 -18.12
CA LEU B 144 -9.26 -4.59 -17.58
C LEU B 144 -9.01 -3.43 -18.55
N ARG B 145 -9.87 -2.43 -18.52
CA ARG B 145 -9.68 -1.19 -19.29
C ARG B 145 -8.42 -0.48 -18.76
N PRO B 146 -7.62 0.14 -19.66
CA PRO B 146 -6.39 0.79 -19.21
C PRO B 146 -6.62 1.89 -18.17
N SER B 147 -7.82 2.49 -18.22
CA SER B 147 -8.19 3.57 -17.32
C SER B 147 -8.81 3.11 -16.00
N VAL B 148 -8.71 1.82 -15.68
CA VAL B 148 -9.13 1.31 -14.36
C VAL B 148 -8.36 2.09 -13.27
N ARG B 149 -9.06 2.50 -12.22
CA ARG B 149 -8.40 3.28 -11.18
C ARG B 149 -7.80 2.31 -10.17
N ARG B 150 -6.48 2.25 -10.15
CA ARG B 150 -5.77 1.20 -9.40
C ARG B 150 -5.20 1.71 -8.09
N THR B 151 -5.22 0.83 -7.07
CA THR B 151 -4.58 1.10 -5.79
C THR B 151 -3.80 -0.15 -5.43
N MET B 152 -2.50 0.00 -5.23
CA MET B 152 -1.63 -1.12 -4.93
C MET B 152 -1.15 -0.94 -3.50
N LEU B 153 -1.54 -1.86 -2.62
CA LEU B 153 -1.20 -1.80 -1.19
C LEU B 153 -0.18 -2.88 -0.85
N HIS B 154 1.11 -2.58 -0.99
CA HIS B 154 2.15 -3.52 -0.56
C HIS B 154 2.24 -3.62 0.97
N LEU B 155 2.36 -4.85 1.46
CA LEU B 155 2.75 -5.14 2.85
C LEU B 155 1.87 -4.43 3.89
N ASN B 156 0.62 -4.87 3.97
CA ASN B 156 -0.28 -4.42 5.02
C ASN B 156 -0.64 -5.51 6.05
N GLY B 157 0.04 -6.67 6.03
CA GLY B 157 -0.15 -7.68 7.08
C GLY B 157 -1.52 -8.36 7.10
N CYS B 158 -1.90 -8.91 8.25
CA CYS B 158 -3.14 -9.71 8.34
C CYS B 158 -4.46 -8.96 8.14
N PHE B 159 -4.47 -7.66 8.46
CA PHE B 159 -5.69 -6.83 8.30
C PHE B 159 -5.89 -6.28 6.89
N ALA B 160 -4.99 -6.66 5.98
CA ALA B 160 -4.92 -6.09 4.64
C ALA B 160 -6.19 -6.29 3.81
N GLY B 161 -6.82 -7.46 3.95
CA GLY B 161 -8.03 -7.76 3.17
C GLY B 161 -9.19 -6.87 3.60
N CYS B 162 -9.39 -6.78 4.92
CA CYS B 162 -10.38 -5.87 5.49
C CYS B 162 -10.09 -4.39 5.17
N ALA B 163 -8.82 -3.99 5.24
CA ALA B 163 -8.44 -2.63 4.88
C ALA B 163 -8.73 -2.30 3.43
N ALA B 164 -8.47 -3.24 2.53
CA ALA B 164 -8.77 -3.08 1.11
C ALA B 164 -10.27 -2.98 0.84
N LEU B 165 -11.07 -3.75 1.57
CA LEU B 165 -12.52 -3.67 1.44
C LEU B 165 -13.09 -2.37 2.01
N ARG B 166 -12.46 -1.84 3.07
CA ARG B 166 -12.87 -0.54 3.58
C ARG B 166 -12.76 0.54 2.50
N LEU B 167 -11.62 0.53 1.79
CA LEU B 167 -11.43 1.39 0.63
C LEU B 167 -12.49 1.15 -0.43
N ALA B 168 -12.73 -0.13 -0.75
CA ALA B 168 -13.71 -0.51 -1.76
C ALA B 168 -15.12 0.06 -1.50
N LYS B 169 -15.55 0.05 -0.23
CA LYS B 169 -16.84 0.62 0.13
C LYS B 169 -16.95 2.08 -0.32
N ASP B 170 -15.96 2.89 0.05
CA ASP B 170 -16.00 4.31 -0.29
C ASP B 170 -15.88 4.54 -1.80
N LEU B 171 -15.01 3.78 -2.47
CA LEU B 171 -14.86 3.87 -3.92
C LEU B 171 -16.18 3.55 -4.61
N ALA B 172 -16.81 2.46 -4.19
CA ALA B 172 -18.08 2.00 -4.80
C ALA B 172 -19.23 2.98 -4.52
N GLU B 173 -19.28 3.53 -3.31
CA GLU B 173 -20.39 4.38 -2.92
C GLU B 173 -20.33 5.81 -3.49
N ASN B 174 -19.13 6.30 -3.79
CA ASN B 174 -18.95 7.70 -4.21
C ASN B 174 -19.01 7.93 -5.73
N SER B 175 -19.17 6.86 -6.52
CA SER B 175 -19.31 6.99 -7.97
C SER B 175 -20.39 6.07 -8.50
N ARG B 176 -21.36 6.62 -9.24
CA ARG B 176 -22.44 5.82 -9.81
C ARG B 176 -21.90 4.82 -10.85
N GLY B 177 -22.30 3.56 -10.71
CA GLY B 177 -21.87 2.51 -11.62
C GLY B 177 -20.53 1.87 -11.27
N ALA B 178 -19.87 2.38 -10.23
CA ALA B 178 -18.52 1.90 -9.93
C ALA B 178 -18.54 0.45 -9.51
N ARG B 179 -17.57 -0.31 -10.02
CA ARG B 179 -17.46 -1.71 -9.68
C ARG B 179 -16.01 -2.01 -9.38
N VAL B 180 -15.78 -2.40 -8.14
CA VAL B 180 -14.44 -2.46 -7.59
C VAL B 180 -14.04 -3.91 -7.45
N LEU B 181 -12.92 -4.27 -8.07
CA LEU B 181 -12.32 -5.58 -7.86
C LEU B 181 -11.23 -5.46 -6.80
N VAL B 182 -11.40 -6.25 -5.74
CA VAL B 182 -10.47 -6.24 -4.63
C VAL B 182 -9.79 -7.59 -4.62
N VAL B 183 -8.45 -7.60 -4.57
CA VAL B 183 -7.75 -8.87 -4.44
C VAL B 183 -6.62 -8.84 -3.44
N ALA B 184 -6.56 -9.89 -2.63
CA ALA B 184 -5.55 -10.07 -1.62
C ALA B 184 -4.89 -11.39 -1.95
N ALA B 185 -3.57 -11.42 -1.90
CA ALA B 185 -2.84 -12.63 -2.20
C ALA B 185 -1.64 -12.75 -1.29
N GLU B 186 -1.20 -13.98 -1.08
CA GLU B 186 -0.12 -14.25 -0.14
C GLU B 186 0.68 -15.47 -0.60
N LEU B 187 2.01 -15.31 -0.66
CA LEU B 187 2.92 -16.45 -0.92
C LEU B 187 3.97 -16.56 0.17
N THR B 188 3.97 -17.69 0.87
CA THR B 188 4.83 -17.93 2.03
C THR B 188 6.32 -18.19 1.71
N LEU B 189 6.66 -18.35 0.43
CA LEU B 189 8.08 -18.45 0.05
C LEU B 189 8.85 -17.17 0.46
N MET B 190 8.10 -16.09 0.68
CA MET B 190 8.68 -14.84 1.19
C MET B 190 9.36 -15.02 2.54
N TYR B 191 8.86 -15.96 3.35
CA TYR B 191 9.38 -16.19 4.72
C TYR B 191 10.24 -17.44 4.84
N PHE B 192 10.17 -18.31 3.84
CA PHE B 192 10.73 -19.66 3.98
C PHE B 192 12.21 -19.66 4.36
N THR B 193 12.53 -20.40 5.42
CA THR B 193 13.92 -20.61 5.80
C THR B 193 14.10 -21.78 6.76
N GLY B 194 15.34 -22.18 6.99
CA GLY B 194 15.68 -23.28 7.92
C GLY B 194 15.39 -22.92 9.38
N PRO B 195 15.29 -23.94 10.25
CA PRO B 195 14.92 -23.71 11.66
C PRO B 195 16.06 -23.22 12.55
N ASP B 196 15.70 -22.63 13.69
CA ASP B 196 16.62 -22.13 14.71
C ASP B 196 16.35 -22.92 15.98
N GLU B 197 17.40 -23.43 16.60
CA GLU B 197 17.25 -24.35 17.74
C GLU B 197 16.84 -23.65 19.04
N GLY B 198 17.19 -22.37 19.15
CA GLY B 198 16.91 -21.62 20.37
C GLY B 198 15.53 -20.99 20.39
N CYS B 199 15.03 -20.64 19.21
CA CYS B 199 13.76 -19.93 19.09
C CYS B 199 12.89 -20.43 17.95
N PHE B 200 11.57 -20.34 18.16
CA PHE B 200 10.63 -21.17 17.42
C PHE B 200 9.66 -20.39 16.54
N ARG B 201 9.92 -19.09 16.39
CA ARG B 201 9.12 -18.22 15.53
C ARG B 201 9.03 -18.76 14.09
N THR B 202 10.16 -19.24 13.56
CA THR B 202 10.19 -19.91 12.25
C THR B 202 9.31 -21.16 12.23
N LEU B 203 9.33 -21.95 13.30
CA LEU B 203 8.49 -23.15 13.36
C LEU B 203 6.99 -22.77 13.28
N LEU B 204 6.61 -21.66 13.90
CA LEU B 204 5.22 -21.19 13.83
C LEU B 204 4.83 -20.87 12.39
N VAL B 205 5.66 -20.06 11.72
CA VAL B 205 5.41 -19.66 10.33
C VAL B 205 5.29 -20.90 9.44
N GLN B 206 6.23 -21.83 9.59
CA GLN B 206 6.23 -23.06 8.80
C GLN B 206 5.06 -24.00 9.08
N GLY B 207 4.48 -23.85 10.27
CA GLY B 207 3.38 -24.70 10.67
C GLY B 207 2.01 -24.15 10.35
N LEU B 208 1.91 -22.83 10.30
CA LEU B 208 0.59 -22.17 10.32
C LEU B 208 0.22 -21.39 9.04
N PHE B 209 1.22 -20.97 8.26
CA PHE B 209 0.98 -20.07 7.14
C PHE B 209 0.93 -20.84 5.82
N GLY B 210 -0.05 -20.52 4.98
CA GLY B 210 -0.18 -21.11 3.65
C GLY B 210 -0.44 -20.04 2.60
N ASP B 211 -0.55 -20.46 1.35
CA ASP B 211 -0.69 -19.54 0.23
C ASP B 211 -2.13 -19.50 -0.28
N GLY B 212 -2.53 -18.36 -0.85
CA GLY B 212 -3.85 -18.24 -1.40
C GLY B 212 -4.10 -16.87 -1.98
N ALA B 213 -5.17 -16.76 -2.77
CA ALA B 213 -5.66 -15.47 -3.24
C ALA B 213 -7.16 -15.45 -3.16
N ALA B 214 -7.72 -14.29 -2.79
CA ALA B 214 -9.15 -14.13 -2.74
C ALA B 214 -9.52 -12.85 -3.48
N ALA B 215 -10.60 -12.90 -4.24
CA ALA B 215 -11.08 -11.74 -5.00
C ALA B 215 -12.53 -11.44 -4.71
N VAL B 216 -12.85 -10.15 -4.65
CA VAL B 216 -14.21 -9.71 -4.33
C VAL B 216 -14.62 -8.60 -5.29
N ILE B 217 -15.87 -8.66 -5.75
CA ILE B 217 -16.45 -7.57 -6.54
C ILE B 217 -17.35 -6.78 -5.59
N VAL B 218 -17.03 -5.50 -5.43
CA VAL B 218 -17.80 -4.61 -4.58
C VAL B 218 -18.51 -3.55 -5.46
N GLY B 219 -19.79 -3.33 -5.20
CA GLY B 219 -20.58 -2.35 -5.95
C GLY B 219 -21.82 -1.93 -5.19
N ALA B 220 -22.26 -0.68 -5.40
CA ALA B 220 -23.53 -0.22 -4.86
C ALA B 220 -24.58 -0.23 -5.96
N ASP B 221 -25.86 -0.27 -5.55
CA ASP B 221 -26.98 -0.19 -6.48
C ASP B 221 -26.95 -1.34 -7.49
N ALA B 222 -27.11 -2.55 -6.99
CA ALA B 222 -27.06 -3.77 -7.82
C ALA B 222 -28.02 -3.76 -9.03
N ASP B 223 -27.51 -4.25 -10.16
CA ASP B 223 -28.29 -4.49 -11.40
C ASP B 223 -29.33 -5.58 -11.20
N ASP B 224 -30.10 -5.84 -12.25
CA ASP B 224 -30.95 -7.01 -12.33
C ASP B 224 -30.14 -8.31 -12.44
N VAL B 225 -28.96 -8.24 -13.07
CA VAL B 225 -28.10 -9.42 -13.27
C VAL B 225 -27.18 -9.75 -12.06
N GLU B 226 -26.92 -8.77 -11.20
CA GLU B 226 -26.05 -8.99 -10.05
C GLU B 226 -26.82 -9.61 -8.89
N ARG B 227 -26.11 -10.37 -8.06
CA ARG B 227 -26.73 -11.03 -6.90
C ARG B 227 -25.96 -10.69 -5.64
N PRO B 228 -26.31 -9.56 -5.00
CA PRO B 228 -25.55 -9.15 -3.82
C PRO B 228 -25.60 -10.19 -2.71
N LEU B 229 -24.46 -10.39 -2.05
CA LEU B 229 -24.32 -11.39 -1.00
C LEU B 229 -24.33 -10.74 0.38
N PHE B 230 -23.62 -9.61 0.52
CA PHE B 230 -23.56 -8.87 1.77
C PHE B 230 -23.49 -7.38 1.48
N GLU B 231 -24.22 -6.58 2.25
CA GLU B 231 -24.02 -5.14 2.23
C GLU B 231 -23.04 -4.73 3.32
N ILE B 232 -22.17 -3.78 3.00
CA ILE B 232 -21.14 -3.33 3.92
C ILE B 232 -21.66 -2.08 4.62
N VAL B 233 -22.27 -2.30 5.77
CA VAL B 233 -22.89 -1.21 6.53
C VAL B 233 -21.87 -0.18 6.95
N SER B 234 -20.76 -0.66 7.52
CA SER B 234 -19.74 0.20 8.09
C SER B 234 -18.40 -0.52 8.13
N ALA B 235 -17.32 0.23 7.88
CA ALA B 235 -15.95 -0.27 7.91
C ALA B 235 -15.14 0.64 8.82
N ALA B 236 -14.47 0.05 9.79
CA ALA B 236 -13.80 0.82 10.80
C ALA B 236 -12.47 0.19 11.16
N GLN B 237 -11.67 0.90 11.96
CA GLN B 237 -10.34 0.42 12.32
C GLN B 237 -9.97 1.03 13.64
N THR B 238 -9.23 0.28 14.45
CA THR B 238 -8.72 0.83 15.70
C THR B 238 -7.49 0.10 16.17
N ILE B 239 -6.89 0.59 17.24
CA ILE B 239 -5.58 0.16 17.73
C ILE B 239 -5.67 -0.34 19.17
N ILE B 240 -4.97 -1.42 19.47
CA ILE B 240 -4.75 -1.82 20.86
C ILE B 240 -3.48 -1.11 21.36
N PRO B 241 -3.61 -0.26 22.39
CA PRO B 241 -2.46 0.52 22.85
C PRO B 241 -1.32 -0.37 23.39
N GLU B 242 -0.08 0.12 23.29
CA GLU B 242 1.12 -0.55 23.83
C GLU B 242 1.29 -2.00 23.38
N SER B 243 1.13 -2.26 22.08
CA SER B 243 1.22 -3.64 21.60
C SER B 243 1.99 -3.80 20.29
N ASP B 244 2.71 -2.75 19.87
CA ASP B 244 3.49 -2.83 18.63
C ASP B 244 4.64 -3.84 18.70
N HIS B 245 5.14 -4.12 19.90
CA HIS B 245 6.20 -5.12 20.10
C HIS B 245 5.71 -6.56 19.91
N ALA B 246 4.41 -6.79 20.06
CA ALA B 246 3.87 -8.15 20.12
C ALA B 246 3.81 -8.83 18.75
N LEU B 247 3.81 -8.02 17.70
CA LEU B 247 3.46 -8.51 16.39
C LEU B 247 3.89 -7.48 15.38
N ASN B 248 4.82 -7.87 14.51
CA ASN B 248 5.26 -6.97 13.44
C ASN B 248 5.94 -7.75 12.34
N MET B 249 6.15 -7.09 11.20
CA MET B 249 6.84 -7.70 10.07
C MET B 249 7.52 -6.62 9.22
N ARG B 250 8.57 -7.03 8.52
CA ARG B 250 9.35 -6.14 7.68
C ARG B 250 10.07 -6.94 6.60
N PHE B 251 10.36 -6.30 5.47
CA PHE B 251 11.33 -6.81 4.50
C PHE B 251 12.72 -6.78 5.13
N THR B 252 13.48 -7.87 4.93
CA THR B 252 14.91 -7.89 5.23
C THR B 252 15.64 -8.40 3.99
N GLU B 253 16.97 -8.32 4.00
CA GLU B 253 17.83 -8.85 2.94
C GLU B 253 17.65 -10.35 2.72
N ARG B 254 17.31 -11.05 3.81
CA ARG B 254 17.26 -12.51 3.81
C ARG B 254 15.88 -13.08 3.46
N ARG B 255 14.84 -12.34 3.83
CA ARG B 255 13.45 -12.79 3.72
C ARG B 255 12.54 -11.73 4.36
N LEU B 256 11.24 -11.91 4.19
CA LEU B 256 10.26 -11.23 5.01
C LEU B 256 10.34 -11.85 6.41
N ASP B 257 10.47 -10.99 7.42
CA ASP B 257 10.69 -11.47 8.77
C ASP B 257 9.82 -10.62 9.70
N GLY B 258 9.80 -10.96 10.98
CA GLY B 258 9.01 -10.21 11.95
C GLY B 258 8.98 -10.88 13.31
N VAL B 259 7.93 -10.60 14.07
CA VAL B 259 7.82 -11.08 15.42
C VAL B 259 6.42 -11.66 15.57
N LEU B 260 6.34 -12.85 16.18
CA LEU B 260 5.06 -13.46 16.55
C LEU B 260 5.06 -13.67 18.07
N GLY B 261 4.60 -12.65 18.80
CA GLY B 261 4.75 -12.65 20.25
C GLY B 261 3.82 -13.60 20.98
N ARG B 262 4.28 -14.09 22.14
CA ARG B 262 3.46 -14.88 23.06
C ARG B 262 2.14 -14.19 23.41
N GLN B 263 2.17 -12.85 23.45
CA GLN B 263 1.03 -12.10 24.00
C GLN B 263 -0.11 -11.84 23.03
N VAL B 264 0.05 -12.28 21.78
CA VAL B 264 -0.91 -11.96 20.71
C VAL B 264 -2.35 -12.46 21.00
N PRO B 265 -2.53 -13.76 21.28
CA PRO B 265 -3.88 -14.27 21.54
C PRO B 265 -4.53 -13.56 22.73
N GLY B 266 -3.75 -13.34 23.78
CA GLY B 266 -4.22 -12.69 25.00
C GLY B 266 -4.64 -11.24 24.80
N LEU B 267 -3.88 -10.51 23.98
CA LEU B 267 -4.19 -9.13 23.67
C LEU B 267 -5.51 -9.03 22.90
N ILE B 268 -5.71 -9.95 21.96
CA ILE B 268 -6.95 -10.01 21.20
C ILE B 268 -8.13 -10.32 22.12
N GLY B 269 -7.99 -11.38 22.92
CA GLY B 269 -8.97 -11.72 23.93
C GLY B 269 -9.33 -10.56 24.86
N ASP B 270 -8.31 -9.84 25.33
CA ASP B 270 -8.51 -8.76 26.31
C ASP B 270 -9.17 -7.50 25.72
N ASN B 271 -9.07 -7.31 24.41
CA ASN B 271 -9.45 -6.02 23.78
C ASN B 271 -10.53 -6.09 22.72
N VAL B 272 -10.81 -7.29 22.20
CA VAL B 272 -11.71 -7.41 21.04
C VAL B 272 -13.11 -6.80 21.27
N GLU B 273 -13.69 -7.03 22.44
CA GLU B 273 -15.05 -6.55 22.70
C GLU B 273 -15.07 -5.02 22.73
N ARG B 274 -14.14 -4.44 23.48
CA ARG B 274 -13.99 -2.99 23.54
C ARG B 274 -13.75 -2.39 22.15
N CYS B 275 -12.89 -3.03 21.35
CA CYS B 275 -12.64 -2.56 19.99
C CYS B 275 -13.89 -2.53 19.12
N LEU B 276 -14.68 -3.60 19.15
CA LEU B 276 -15.94 -3.66 18.41
C LEU B 276 -16.93 -2.58 18.83
N LEU B 277 -17.02 -2.35 20.14
CA LEU B 277 -17.93 -1.34 20.69
C LEU B 277 -17.48 0.08 20.34
N ASP B 278 -16.17 0.35 20.46
CA ASP B 278 -15.61 1.62 19.99
C ASP B 278 -15.86 1.85 18.50
N MET B 279 -15.64 0.82 17.69
CA MET B 279 -15.72 0.95 16.24
C MET B 279 -17.13 1.17 15.68
N PHE B 280 -18.12 0.49 16.26
CA PHE B 280 -19.46 0.51 15.66
C PHE B 280 -20.53 1.25 16.48
N GLY B 281 -20.31 1.32 17.79
CA GLY B 281 -21.18 2.10 18.68
C GLY B 281 -22.67 1.75 18.59
N PRO B 282 -23.51 2.78 18.36
CA PRO B 282 -24.98 2.66 18.30
C PRO B 282 -25.47 1.65 17.25
N LEU B 283 -24.67 1.41 16.21
CA LEU B 283 -25.00 0.42 15.17
C LEU B 283 -25.19 -0.98 15.74
N LEU B 284 -24.58 -1.24 16.89
CA LEU B 284 -24.71 -2.52 17.61
C LEU B 284 -25.82 -2.53 18.67
N GLY B 285 -26.60 -1.45 18.74
CA GLY B 285 -27.76 -1.37 19.63
C GLY B 285 -28.88 -2.31 19.21
N GLY B 286 -29.71 -2.71 20.19
CA GLY B 286 -30.82 -3.61 19.90
C GLY B 286 -30.50 -5.05 20.28
N ASP B 287 -31.54 -5.86 20.35
CA ASP B 287 -31.48 -7.21 20.90
C ASP B 287 -32.82 -7.89 20.60
N GLY B 288 -32.83 -9.09 20.03
CA GLY B 288 -31.67 -9.97 19.93
C GLY B 288 -31.98 -11.25 20.69
N GLY B 289 -31.52 -11.33 21.93
CA GLY B 289 -31.71 -12.51 22.76
C GLY B 289 -30.44 -13.27 23.09
N GLY B 290 -29.39 -13.06 22.31
CA GLY B 290 -28.13 -13.77 22.52
C GLY B 290 -26.85 -12.94 22.56
N GLY B 291 -26.99 -11.61 22.69
CA GLY B 291 -25.83 -10.72 22.72
C GLY B 291 -25.01 -10.81 21.44
N TRP B 292 -23.73 -11.16 21.57
CA TRP B 292 -22.85 -11.26 20.40
C TRP B 292 -23.22 -12.44 19.51
N ASN B 293 -23.92 -13.41 20.08
CA ASN B 293 -24.49 -14.53 19.34
C ASN B 293 -25.63 -14.16 18.39
N ASP B 294 -26.14 -12.93 18.50
CA ASP B 294 -27.10 -12.39 17.52
C ASP B 294 -26.50 -12.29 16.10
N LEU B 295 -25.18 -12.22 16.02
CA LEU B 295 -24.47 -11.91 14.78
C LEU B 295 -23.79 -13.12 14.17
N PHE B 296 -23.52 -13.08 12.88
CA PHE B 296 -22.60 -14.02 12.26
C PHE B 296 -21.17 -13.45 12.26
N TRP B 297 -20.18 -14.31 12.01
CA TRP B 297 -18.79 -13.95 12.20
C TRP B 297 -17.88 -14.50 11.13
N ALA B 298 -17.08 -13.61 10.54
CA ALA B 298 -16.01 -13.98 9.62
C ALA B 298 -14.77 -13.29 10.15
N VAL B 299 -13.95 -14.05 10.87
CA VAL B 299 -12.75 -13.44 11.44
C VAL B 299 -11.46 -14.16 11.04
N HIS B 300 -10.42 -13.39 10.74
CA HIS B 300 -9.09 -13.93 10.46
C HIS B 300 -8.67 -14.82 11.64
N PRO B 301 -8.46 -16.13 11.39
CA PRO B 301 -8.32 -17.12 12.47
C PRO B 301 -7.06 -17.01 13.35
N GLY B 302 -5.89 -16.99 12.73
CA GLY B 302 -4.60 -16.96 13.45
C GLY B 302 -4.16 -18.30 14.00
N SER B 303 -4.85 -18.76 15.04
CA SER B 303 -4.60 -20.07 15.63
C SER B 303 -5.88 -20.48 16.33
N SER B 304 -5.91 -21.71 16.81
CA SER B 304 -7.06 -22.20 17.57
C SER B 304 -7.17 -21.40 18.88
N THR B 305 -6.02 -21.07 19.48
CA THR B 305 -5.96 -20.27 20.71
C THR B 305 -6.53 -18.87 20.51
N ILE B 306 -6.24 -18.26 19.36
CA ILE B 306 -6.76 -16.94 19.04
C ILE B 306 -8.28 -16.99 18.87
N MET B 307 -8.77 -17.98 18.13
CA MET B 307 -10.21 -18.23 18.01
C MET B 307 -10.89 -18.50 19.36
N ASP B 308 -10.22 -19.28 20.22
CA ASP B 308 -10.70 -19.54 21.58
C ASP B 308 -10.76 -18.25 22.37
N GLN B 309 -9.79 -17.37 22.15
CA GLN B 309 -9.78 -16.09 22.86
C GLN B 309 -10.96 -15.21 22.44
N VAL B 310 -11.27 -15.19 21.14
CA VAL B 310 -12.41 -14.43 20.62
C VAL B 310 -13.71 -15.02 21.19
N ASP B 311 -13.84 -16.36 21.15
CA ASP B 311 -14.97 -17.07 21.75
C ASP B 311 -15.19 -16.68 23.19
N ALA B 312 -14.13 -16.75 23.99
CA ALA B 312 -14.20 -16.50 25.42
C ALA B 312 -14.51 -15.04 25.72
N ALA B 313 -13.98 -14.13 24.89
CA ALA B 313 -14.24 -12.70 25.06
C ALA B 313 -15.68 -12.31 24.75
N LEU B 314 -16.28 -12.96 23.76
CA LEU B 314 -17.60 -12.55 23.26
C LEU B 314 -18.72 -13.49 23.66
N GLY B 315 -18.38 -14.51 24.45
CA GLY B 315 -19.35 -15.52 24.90
C GLY B 315 -20.01 -16.25 23.74
N LEU B 316 -19.24 -16.52 22.70
CA LEU B 316 -19.78 -17.13 21.48
C LEU B 316 -20.04 -18.62 21.62
N GLU B 317 -21.15 -19.07 21.05
CA GLU B 317 -21.44 -20.50 20.97
C GLU B 317 -20.53 -21.16 19.92
N PRO B 318 -20.28 -22.48 20.07
CA PRO B 318 -19.33 -23.25 19.22
C PRO B 318 -19.46 -23.03 17.72
N GLY B 319 -20.67 -22.87 17.21
CA GLY B 319 -20.91 -22.75 15.76
C GLY B 319 -20.53 -21.41 15.13
N LYS B 320 -20.32 -20.39 15.96
CA LYS B 320 -20.17 -19.02 15.43
C LYS B 320 -18.87 -18.82 14.65
N LEU B 321 -17.77 -19.37 15.18
CA LEU B 321 -16.49 -19.25 14.52
C LEU B 321 -16.15 -20.49 13.68
N ALA B 322 -17.13 -21.37 13.46
CA ALA B 322 -16.87 -22.62 12.72
C ALA B 322 -16.37 -22.36 11.30
N ALA B 323 -16.95 -21.37 10.61
CA ALA B 323 -16.47 -21.01 9.27
C ALA B 323 -15.02 -20.51 9.27
N SER B 324 -14.65 -19.73 10.29
CA SER B 324 -13.29 -19.21 10.44
C SER B 324 -12.27 -20.31 10.77
N ARG B 325 -12.66 -21.23 11.65
CA ARG B 325 -11.83 -22.38 12.03
C ARG B 325 -11.65 -23.39 10.90
N ARG B 326 -12.69 -23.57 10.10
CA ARG B 326 -12.63 -24.43 8.90
C ARG B 326 -11.60 -23.92 7.89
N VAL B 327 -11.61 -22.60 7.65
CA VAL B 327 -10.60 -21.96 6.80
C VAL B 327 -9.20 -22.20 7.37
N LEU B 328 -8.99 -21.93 8.65
CA LEU B 328 -7.70 -22.27 9.29
C LEU B 328 -7.35 -23.74 9.03
N SER B 329 -8.32 -24.62 9.22
CA SER B 329 -8.10 -26.06 9.07
C SER B 329 -7.69 -26.46 7.63
N ASP B 330 -8.41 -25.94 6.64
CA ASP B 330 -8.28 -26.37 5.25
C ASP B 330 -7.21 -25.61 4.45
N TYR B 331 -6.79 -24.44 4.94
CA TYR B 331 -5.87 -23.58 4.17
C TYR B 331 -4.72 -22.98 4.96
N GLY B 332 -4.81 -23.07 6.29
CA GLY B 332 -3.96 -22.28 7.16
C GLY B 332 -4.17 -20.77 7.02
N ASN B 333 -3.31 -20.01 7.68
CA ASN B 333 -3.29 -18.56 7.57
C ASN B 333 -2.73 -18.10 6.22
N MET B 334 -3.51 -17.33 5.47
CA MET B 334 -3.04 -16.76 4.19
C MET B 334 -3.04 -15.23 4.25
N SER B 335 -2.59 -14.68 5.38
CA SER B 335 -2.51 -13.25 5.60
C SER B 335 -3.84 -12.56 5.24
N GLY B 336 -3.77 -11.45 4.51
CA GLY B 336 -4.95 -10.63 4.19
C GLY B 336 -6.10 -11.35 3.51
N ALA B 337 -5.79 -12.38 2.73
CA ALA B 337 -6.82 -13.15 2.03
C ALA B 337 -7.70 -14.01 2.95
N THR B 338 -7.17 -14.42 4.11
CA THR B 338 -7.83 -15.42 4.97
C THR B 338 -9.28 -15.11 5.35
N VAL B 339 -9.55 -13.86 5.76
CA VAL B 339 -10.89 -13.49 6.20
C VAL B 339 -11.91 -13.46 5.05
N ILE B 340 -11.41 -13.29 3.82
CA ILE B 340 -12.27 -13.37 2.64
C ILE B 340 -12.62 -14.85 2.32
N PHE B 341 -11.66 -15.74 2.53
CA PHE B 341 -11.96 -17.18 2.51
C PHE B 341 -13.03 -17.49 3.56
N ALA B 342 -12.92 -16.88 4.74
CA ALA B 342 -13.88 -17.10 5.82
C ALA B 342 -15.29 -16.62 5.43
N LEU B 343 -15.37 -15.48 4.74
CA LEU B 343 -16.65 -14.93 4.32
C LEU B 343 -17.29 -15.87 3.32
N ASP B 344 -16.46 -16.43 2.44
CA ASP B 344 -16.90 -17.35 1.40
C ASP B 344 -17.40 -18.67 2.01
N GLU B 345 -16.69 -19.19 3.00
CA GLU B 345 -17.08 -20.39 3.72
C GLU B 345 -18.42 -20.17 4.42
N LEU B 346 -18.56 -19.00 5.05
CA LEU B 346 -19.78 -18.59 5.72
C LEU B 346 -20.95 -18.59 4.74
N ARG B 347 -20.71 -18.01 3.56
CA ARG B 347 -21.70 -17.95 2.50
C ARG B 347 -22.13 -19.33 1.97
N ARG B 348 -21.20 -20.29 1.84
CA ARG B 348 -21.62 -21.65 1.46
C ARG B 348 -22.26 -22.44 2.61
N GLN B 349 -22.00 -22.02 3.85
CA GLN B 349 -22.59 -22.61 5.05
C GLN B 349 -24.09 -22.29 5.15
N ARG B 350 -24.48 -21.13 4.62
CA ARG B 350 -25.90 -20.77 4.51
C ARG B 350 -26.36 -20.79 3.06
N GLU B 358 -33.05 -19.61 12.07
CA GLU B 358 -32.85 -18.59 11.04
C GLU B 358 -31.51 -17.89 11.21
N TRP B 359 -30.70 -17.94 10.14
CA TRP B 359 -29.37 -17.34 10.14
C TRP B 359 -29.39 -15.85 10.52
N PRO B 360 -28.37 -15.41 11.29
CA PRO B 360 -28.22 -14.00 11.64
C PRO B 360 -28.21 -13.11 10.39
N GLU B 361 -28.82 -11.94 10.53
CA GLU B 361 -28.92 -10.99 9.43
C GLU B 361 -27.68 -10.11 9.41
N LEU B 362 -27.23 -9.74 10.61
CA LEU B 362 -26.14 -8.80 10.83
C LEU B 362 -24.91 -9.57 11.28
N GLY B 363 -23.73 -9.13 10.85
CA GLY B 363 -22.49 -9.82 11.20
C GLY B 363 -21.26 -8.95 11.16
N VAL B 364 -20.17 -9.50 11.68
CA VAL B 364 -18.90 -8.81 11.75
C VAL B 364 -17.86 -9.60 10.96
N MET B 365 -17.17 -8.89 10.07
CA MET B 365 -16.01 -9.45 9.38
C MET B 365 -14.80 -8.68 9.88
N MET B 366 -13.87 -9.36 10.54
CA MET B 366 -12.74 -8.65 11.16
C MET B 366 -11.39 -9.39 11.10
N ALA B 367 -10.31 -8.64 11.26
CA ALA B 367 -8.94 -9.18 11.21
C ALA B 367 -8.01 -8.35 12.09
N PHE B 368 -7.22 -9.03 12.92
CA PHE B 368 -6.18 -8.37 13.71
C PHE B 368 -4.84 -8.50 13.01
N GLY B 369 -4.02 -7.47 13.13
CA GLY B 369 -2.69 -7.48 12.52
C GLY B 369 -1.79 -6.57 13.34
N PRO B 370 -0.55 -6.36 12.88
CA PRO B 370 0.46 -5.57 13.57
C PRO B 370 -0.02 -4.17 13.90
N GLY B 371 0.39 -3.69 15.08
CA GLY B 371 -0.08 -2.42 15.61
C GLY B 371 -0.11 -2.44 17.13
N MET B 372 -0.97 -3.28 17.72
CA MET B 372 -1.88 -4.14 16.99
C MET B 372 -3.07 -3.37 16.49
N THR B 373 -3.51 -3.68 15.29
CA THR B 373 -4.71 -3.03 14.75
C THR B 373 -5.79 -4.05 14.48
N VAL B 374 -7.04 -3.60 14.61
CA VAL B 374 -8.18 -4.37 14.15
C VAL B 374 -8.81 -3.59 13.01
N ASP B 375 -9.05 -4.26 11.90
CA ASP B 375 -9.91 -3.72 10.86
C ASP B 375 -11.18 -4.56 10.91
N ALA B 376 -12.34 -3.92 10.81
CA ALA B 376 -13.61 -4.65 10.92
C ALA B 376 -14.69 -4.00 10.08
N MET B 377 -15.59 -4.82 9.56
CA MET B 377 -16.76 -4.37 8.83
C MET B 377 -18.01 -4.97 9.45
N LEU B 378 -19.04 -4.15 9.57
CA LEU B 378 -20.36 -4.60 9.93
C LEU B 378 -21.03 -4.94 8.62
N LEU B 379 -21.57 -6.16 8.54
CA LEU B 379 -22.20 -6.67 7.32
C LEU B 379 -23.68 -7.01 7.54
N HIS B 380 -24.49 -6.71 6.53
CA HIS B 380 -25.91 -7.07 6.51
C HIS B 380 -26.10 -8.07 5.37
N ALA B 381 -26.54 -9.27 5.71
CA ALA B 381 -26.65 -10.32 4.70
C ALA B 381 -27.95 -10.23 3.93
N THR B 382 -27.81 -10.03 2.61
CA THR B 382 -28.93 -9.98 1.68
C THR B 382 -28.50 -10.67 0.38
#